data_4UOC
#
_entry.id   4UOC
#
_cell.length_a   72.470
_cell.length_b   93.300
_cell.length_c   133.770
_cell.angle_alpha   90.00
_cell.angle_beta   90.00
_cell.angle_gamma   90.00
#
_symmetry.space_group_name_H-M   'P 21 21 21'
#
loop_
_entity.id
_entity.type
_entity.pdbx_description
1 polymer CINA
2 non-polymer 'NICOTINATE MONONUCLEOTIDE'
3 water water
#
_entity_poly.entity_id   1
_entity_poly.type   'polypeptide(L)'
_entity_poly.pdbx_seq_one_letter_code
;MERAEILGVGTELLYGETLDTNTAEIARSLKPYALKVERTLRVADEVAPLAREVEEAFARARLVVLSGGLGPTPDDVTRE
AVALALGEPLELDEAVLGEIEAFFRARGRAMPEANRKQAMRIPSATWLKNPRGTAPGWWVRKGGKDLVLLPGPPPEWRPM
WQEVLPRLGLPRRPYAERVLKTWGIGESEIVERLGPLFVREEEVEVGTYPKVHGVEVVVRGREDRVAELAERIKKKLLKE
VWGEGEMTLAEAVKRRMEREGATLSTMESLTGGLLGAEITRVPGASRFYLGGVVSYSVGAKARFGVPQDLLSRTVSAETA
RAMAEAARSLFGSTYALATTGVAGPDPLEGEPPGTVYVALAGPTGAEVRRYRFPGDRETVRLRSVYAALALLVT
;
_entity_poly.pdbx_strand_id   A,B
#
# COMPACT_ATOMS: atom_id res chain seq x y z
N MET A 1 17.69 25.00 12.41
CA MET A 1 18.01 23.54 12.55
C MET A 1 18.83 23.08 11.34
N GLU A 2 19.96 22.43 11.62
CA GLU A 2 20.77 21.74 10.61
C GLU A 2 20.08 20.48 10.00
N ARG A 3 20.63 20.00 8.90
CA ARG A 3 20.03 18.90 8.19
C ARG A 3 20.66 17.52 8.48
N ALA A 4 19.84 16.47 8.35
CA ALA A 4 20.35 15.12 8.22
C ALA A 4 19.89 14.66 6.85
N GLU A 5 20.81 14.08 6.08
CA GLU A 5 20.55 13.53 4.77
C GLU A 5 20.69 12.02 4.93
N ILE A 6 19.95 11.25 4.13
CA ILE A 6 19.87 9.81 4.25
C ILE A 6 19.81 9.27 2.84
N LEU A 7 20.69 8.33 2.54
CA LEU A 7 20.78 7.78 1.20
C LEU A 7 20.79 6.22 1.22
N GLY A 8 19.84 5.62 0.50
CA GLY A 8 19.84 4.17 0.27
C GLY A 8 20.41 3.85 -1.09
N VAL A 9 21.55 3.16 -1.07
CA VAL A 9 22.26 2.79 -2.30
C VAL A 9 21.79 1.42 -2.77
N GLY A 10 21.33 1.38 -4.02
CA GLY A 10 20.96 0.14 -4.67
C GLY A 10 19.96 0.36 -5.78
N THR A 11 20.32 -0.15 -6.94
CA THR A 11 19.54 0.06 -8.16
C THR A 11 18.15 -0.55 -7.99
N GLU A 12 18.10 -1.69 -7.33
CA GLU A 12 16.83 -2.42 -7.16
C GLU A 12 15.79 -1.70 -6.24
N LEU A 13 16.30 -0.81 -5.35
CA LEU A 13 15.47 0.06 -4.50
C LEU A 13 14.76 1.16 -5.31
N LEU A 14 15.38 1.58 -6.40
CA LEU A 14 14.76 2.55 -7.31
C LEU A 14 13.48 1.97 -7.80
N TYR A 15 13.56 0.72 -8.24
CA TYR A 15 12.49 0.02 -8.96
C TYR A 15 11.51 -0.63 -8.04
N GLY A 16 11.80 -0.57 -6.74
CA GLY A 16 10.93 -1.19 -5.73
C GLY A 16 11.03 -2.70 -5.74
N GLU A 17 12.06 -3.23 -6.38
CA GLU A 17 12.31 -4.66 -6.37
C GLU A 17 12.72 -5.13 -4.94
N THR A 18 13.64 -4.41 -4.28
CA THR A 18 13.69 -4.43 -2.83
C THR A 18 13.02 -3.16 -2.35
N LEU A 19 12.16 -3.32 -1.35
CA LEU A 19 11.40 -2.24 -0.77
C LEU A 19 12.35 -1.40 0.08
N ASP A 20 12.46 -0.10 -0.18
CA ASP A 20 13.35 0.67 0.67
C ASP A 20 12.67 1.06 1.97
N THR A 21 12.88 0.27 3.01
CA THR A 21 12.40 0.64 4.35
C THR A 21 13.48 1.25 5.23
N ASN A 22 14.73 0.92 4.93
CA ASN A 22 15.86 1.54 5.60
C ASN A 22 15.86 3.10 5.76
N THR A 23 15.72 3.86 4.68
CA THR A 23 15.89 5.30 4.84
C THR A 23 14.84 5.86 5.78
N ALA A 24 13.61 5.39 5.59
CA ALA A 24 12.49 5.74 6.44
C ALA A 24 12.76 5.36 7.90
N GLU A 25 13.23 4.12 8.15
CA GLU A 25 13.52 3.75 9.53
C GLU A 25 14.61 4.71 10.13
N ILE A 26 15.62 4.99 9.34
CA ILE A 26 16.74 5.79 9.81
C ILE A 26 16.25 7.18 10.18
N ALA A 27 15.40 7.75 9.31
CA ALA A 27 14.75 9.04 9.58
C ALA A 27 13.91 9.02 10.86
N ARG A 28 13.17 7.94 11.11
CA ARG A 28 12.35 7.93 12.33
C ARG A 28 13.26 8.00 13.55
N SER A 29 14.44 7.40 13.43
CA SER A 29 15.34 7.24 14.57
C SER A 29 16.03 8.59 14.88
N LEU A 30 15.99 9.51 13.91
CA LEU A 30 16.47 10.88 14.17
C LEU A 30 15.41 11.81 14.78
N LYS A 31 14.20 11.33 14.95
CA LYS A 31 13.19 12.18 15.54
C LYS A 31 13.64 12.83 16.84
N PRO A 32 14.27 12.08 17.79
CA PRO A 32 14.61 12.78 19.05
C PRO A 32 15.73 13.84 18.92
N TYR A 33 16.24 14.04 17.73
CA TYR A 33 17.37 14.95 17.54
C TYR A 33 16.94 16.16 16.73
N ALA A 34 17.45 17.32 17.11
CA ALA A 34 17.12 18.60 16.47
C ALA A 34 17.74 18.74 15.09
N LEU A 35 17.33 17.89 14.16
CA LEU A 35 17.85 17.91 12.82
C LEU A 35 16.69 17.83 11.84
N LYS A 36 16.84 18.44 10.68
CA LYS A 36 15.74 18.44 9.73
C LYS A 36 16.00 17.48 8.60
N VAL A 37 15.01 16.63 8.33
CA VAL A 37 15.05 15.77 7.16
C VAL A 37 14.11 16.41 6.13
N GLU A 38 14.72 16.93 5.08
CA GLU A 38 13.99 17.63 4.05
C GLU A 38 13.77 16.64 2.97
N ARG A 39 14.70 15.67 2.86
CA ARG A 39 14.60 14.63 1.81
C ARG A 39 15.24 13.29 2.12
N THR A 40 14.83 12.26 1.39
CA THR A 40 15.59 11.01 1.37
C THR A 40 15.90 10.63 -0.08
N LEU A 41 17.03 9.97 -0.29
CA LEU A 41 17.35 9.57 -1.67
C LEU A 41 17.44 8.06 -1.79
N ARG A 42 17.17 7.54 -2.97
CA ARG A 42 17.63 6.21 -3.31
C ARG A 42 18.52 6.41 -4.52
N VAL A 43 19.76 5.92 -4.45
CA VAL A 43 20.71 6.16 -5.55
C VAL A 43 21.12 4.86 -6.24
N ALA A 44 21.27 4.87 -7.58
CA ALA A 44 21.70 3.67 -8.32
C ALA A 44 23.12 3.22 -7.94
N ASP A 45 23.44 1.94 -8.15
CA ASP A 45 24.79 1.43 -7.94
C ASP A 45 25.74 1.84 -9.10
N GLU A 46 25.96 3.14 -9.28
CA GLU A 46 27.10 3.63 -10.08
C GLU A 46 27.89 4.65 -9.28
N VAL A 47 29.20 4.52 -9.31
CA VAL A 47 30.06 5.31 -8.44
C VAL A 47 30.06 6.83 -8.72
N ALA A 48 30.02 7.24 -9.99
CA ALA A 48 30.06 8.67 -10.33
C ALA A 48 28.80 9.39 -9.83
N PRO A 49 27.61 8.93 -10.28
CA PRO A 49 26.42 9.59 -9.72
C PRO A 49 26.36 9.53 -8.21
N LEU A 50 26.79 8.41 -7.63
CA LEU A 50 26.68 8.26 -6.19
C LEU A 50 27.65 9.20 -5.48
N ALA A 51 28.86 9.33 -6.02
CA ALA A 51 29.84 10.25 -5.41
C ALA A 51 29.32 11.70 -5.38
N ARG A 52 28.63 12.11 -6.45
CA ARG A 52 27.98 13.45 -6.54
C ARG A 52 26.85 13.67 -5.48
N GLU A 53 26.10 12.62 -5.19
CA GLU A 53 25.00 12.77 -4.24
C GLU A 53 25.56 12.84 -2.84
N VAL A 54 26.63 12.07 -2.62
CA VAL A 54 27.25 12.07 -1.29
C VAL A 54 27.80 13.50 -1.07
N GLU A 55 28.48 13.96 -2.10
CA GLU A 55 29.19 15.20 -2.03
C GLU A 55 28.21 16.32 -1.76
N GLU A 56 27.15 16.40 -2.57
CA GLU A 56 26.08 17.38 -2.30
C GLU A 56 25.49 17.21 -0.90
N ALA A 57 25.06 16.00 -0.54
CA ALA A 57 24.46 15.80 0.77
C ALA A 57 25.36 16.26 1.86
N PHE A 58 26.63 15.88 1.78
CA PHE A 58 27.60 16.24 2.86
C PHE A 58 27.85 17.76 3.04
N ALA A 59 27.94 18.47 1.91
CA ALA A 59 28.01 19.93 1.90
C ALA A 59 26.84 20.60 2.65
N ARG A 60 25.63 20.01 2.63
CA ARG A 60 24.47 20.67 3.29
C ARG A 60 24.12 20.19 4.70
N ALA A 61 24.64 19.05 5.14
CA ALA A 61 24.13 18.51 6.38
C ALA A 61 25.17 18.53 7.48
N ARG A 62 24.69 18.35 8.73
CA ARG A 62 25.45 18.01 9.91
C ARG A 62 25.69 16.51 10.02
N LEU A 63 24.78 15.73 9.41
CA LEU A 63 24.80 14.26 9.42
C LEU A 63 24.43 13.74 8.02
N VAL A 64 25.15 12.75 7.53
CA VAL A 64 24.77 12.00 6.32
C VAL A 64 24.77 10.50 6.69
N VAL A 65 23.70 9.78 6.32
CA VAL A 65 23.64 8.35 6.57
C VAL A 65 23.50 7.62 5.24
N LEU A 66 24.37 6.65 5.00
CA LEU A 66 24.16 5.74 3.84
C LEU A 66 23.87 4.33 4.31
N SER A 67 23.11 3.62 3.47
CA SER A 67 22.67 2.26 3.78
C SER A 67 22.83 1.44 2.51
N GLY A 68 23.65 0.41 2.57
CA GLY A 68 23.79 -0.55 1.47
C GLY A 68 24.95 -0.26 0.53
N GLY A 69 25.28 -1.26 -0.30
CA GLY A 69 26.33 -1.13 -1.29
C GLY A 69 27.69 -1.38 -0.67
N LEU A 70 27.71 -2.17 0.40
CA LEU A 70 28.97 -2.53 1.07
C LEU A 70 29.35 -3.99 0.89
N GLY A 71 28.65 -4.69 0.01
CA GLY A 71 29.03 -6.08 -0.30
C GLY A 71 30.33 -6.20 -1.11
N PRO A 72 30.55 -7.37 -1.70
CA PRO A 72 31.79 -7.59 -2.44
C PRO A 72 31.65 -7.61 -3.97
N THR A 73 30.46 -7.31 -4.51
CA THR A 73 30.23 -7.30 -5.99
C THR A 73 30.80 -6.06 -6.75
N PRO A 74 31.00 -6.18 -8.08
CA PRO A 74 31.29 -4.92 -8.79
C PRO A 74 30.16 -3.88 -8.61
N ASP A 75 28.93 -4.34 -8.37
CA ASP A 75 27.84 -3.44 -7.95
C ASP A 75 27.88 -2.93 -6.49
N ASP A 76 28.97 -3.12 -5.76
CA ASP A 76 29.07 -2.58 -4.41
C ASP A 76 30.13 -1.50 -4.32
N VAL A 77 29.71 -0.27 -4.63
CA VAL A 77 30.65 0.86 -4.82
C VAL A 77 30.50 1.97 -3.77
N THR A 78 29.69 1.74 -2.75
CA THR A 78 29.52 2.78 -1.74
C THR A 78 30.84 3.35 -1.13
N ARG A 79 31.77 2.50 -0.68
CA ARG A 79 33.06 2.94 -0.14
C ARG A 79 33.81 3.87 -1.08
N GLU A 80 34.03 3.41 -2.30
CA GLU A 80 34.65 4.21 -3.32
C GLU A 80 33.98 5.57 -3.36
N ALA A 81 32.68 5.56 -3.52
CA ALA A 81 31.95 6.77 -3.76
C ALA A 81 32.14 7.77 -2.62
N VAL A 82 32.11 7.29 -1.39
CA VAL A 82 32.22 8.17 -0.23
C VAL A 82 33.66 8.71 -0.25
N ALA A 83 34.56 7.81 -0.61
CA ALA A 83 35.97 8.14 -0.77
C ALA A 83 36.14 9.26 -1.79
N LEU A 84 35.60 9.07 -2.98
CA LEU A 84 35.71 10.09 -4.01
C LEU A 84 35.05 11.46 -3.63
N ALA A 85 33.94 11.41 -2.91
CA ALA A 85 33.21 12.63 -2.62
C ALA A 85 33.89 13.46 -1.53
N LEU A 86 34.56 12.80 -0.59
CA LEU A 86 35.15 13.49 0.56
C LEU A 86 36.65 13.88 0.41
N GLY A 87 37.23 13.59 -0.76
CA GLY A 87 38.65 13.77 -1.04
C GLY A 87 39.66 13.03 -0.17
N GLU A 88 39.41 11.76 0.16
CA GLU A 88 40.38 11.00 0.96
C GLU A 88 40.68 9.65 0.29
N PRO A 89 41.85 9.03 0.60
CA PRO A 89 42.07 7.81 -0.16
C PRO A 89 41.64 6.58 0.64
N LEU A 90 41.34 5.49 -0.08
CA LEU A 90 41.04 4.19 0.55
C LEU A 90 42.30 3.43 1.01
N GLU A 91 42.38 3.08 2.29
CA GLU A 91 43.54 2.35 2.83
C GLU A 91 43.10 1.02 3.39
N LEU A 92 43.85 -0.03 3.07
CA LEU A 92 43.57 -1.37 3.57
C LEU A 92 43.90 -1.46 5.06
N ASP A 93 42.96 -1.93 5.87
CA ASP A 93 43.27 -2.18 7.26
C ASP A 93 43.53 -3.70 7.35
N GLU A 94 44.77 -4.08 7.67
CA GLU A 94 45.15 -5.50 7.73
C GLU A 94 44.31 -6.25 8.80
N ALA A 95 44.16 -5.63 9.97
CA ALA A 95 43.39 -6.21 11.08
C ALA A 95 41.98 -6.68 10.65
N VAL A 96 41.18 -5.73 10.17
CA VAL A 96 39.82 -6.00 9.67
C VAL A 96 39.82 -7.10 8.58
N LEU A 97 40.80 -7.02 7.68
CA LEU A 97 41.02 -8.08 6.67
C LEU A 97 41.09 -9.49 7.32
N GLY A 98 41.84 -9.61 8.41
CA GLY A 98 41.82 -10.81 9.23
C GLY A 98 40.42 -11.19 9.70
N GLU A 99 39.68 -10.22 10.22
CA GLU A 99 38.33 -10.45 10.74
C GLU A 99 37.37 -10.97 9.66
N ILE A 100 37.50 -10.40 8.46
CA ILE A 100 36.76 -10.90 7.31
C ILE A 100 37.21 -12.30 7.01
N GLU A 101 38.52 -12.53 6.92
CA GLU A 101 39.02 -13.89 6.70
C GLU A 101 38.42 -14.87 7.72
N ALA A 102 38.28 -14.39 8.98
CA ALA A 102 37.83 -15.23 10.10
C ALA A 102 36.35 -15.58 9.99
N PHE A 103 35.57 -14.69 9.37
CA PHE A 103 34.15 -14.91 9.15
C PHE A 103 33.93 -16.08 8.19
N PHE A 104 34.83 -16.20 7.23
CA PHE A 104 34.73 -17.21 6.21
C PHE A 104 35.27 -18.52 6.75
N ARG A 105 36.28 -18.39 7.62
CA ARG A 105 36.94 -19.54 8.18
C ARG A 105 36.08 -20.22 9.25
N ALA A 106 35.11 -19.48 9.78
CA ALA A 106 34.14 -20.05 10.74
C ALA A 106 33.01 -20.78 10.02
N ARG A 107 33.10 -20.81 8.68
CA ARG A 107 32.15 -21.51 7.82
C ARG A 107 32.89 -22.42 6.84
N GLY A 108 34.16 -22.71 7.14
CA GLY A 108 34.96 -23.69 6.37
C GLY A 108 35.49 -23.22 5.01
N ARG A 109 35.09 -21.99 4.64
CA ARG A 109 35.39 -21.41 3.36
C ARG A 109 36.58 -20.49 3.49
N ALA A 110 37.40 -20.43 2.44
CA ALA A 110 38.39 -19.37 2.37
C ALA A 110 37.64 -18.14 1.87
N MET A 111 38.16 -16.98 2.27
CA MET A 111 37.66 -15.69 1.86
C MET A 111 37.91 -15.53 0.34
N PRO A 112 36.84 -15.25 -0.45
CA PRO A 112 37.07 -14.84 -1.83
C PRO A 112 37.88 -13.55 -1.86
N GLU A 113 38.65 -13.32 -2.93
CA GLU A 113 39.32 -12.01 -3.05
C GLU A 113 38.30 -10.88 -3.25
N ALA A 114 37.12 -11.22 -3.79
CA ALA A 114 36.03 -10.24 -3.97
C ALA A 114 35.87 -9.39 -2.71
N ASN A 115 35.92 -10.06 -1.55
CA ASN A 115 35.68 -9.47 -0.24
C ASN A 115 36.84 -8.65 0.32
N ARG A 116 37.94 -8.58 -0.42
CA ARG A 116 39.09 -7.79 0.03
C ARG A 116 38.73 -6.30 0.19
N LYS A 117 37.97 -5.74 -0.75
CA LYS A 117 37.53 -4.33 -0.67
C LYS A 117 37.02 -4.05 0.73
N GLN A 118 36.20 -4.96 1.26
CA GLN A 118 35.40 -4.67 2.45
C GLN A 118 36.24 -4.25 3.65
N ALA A 119 37.56 -4.34 3.52
CA ALA A 119 38.47 -3.89 4.58
C ALA A 119 39.13 -2.50 4.38
N MET A 120 38.74 -1.78 3.32
CA MET A 120 39.15 -0.37 3.11
C MET A 120 38.41 0.62 4.03
N ARG A 121 39.12 1.68 4.38
CA ARG A 121 38.58 2.83 5.09
C ARG A 121 39.35 4.10 4.68
N ILE A 122 38.77 5.26 4.96
CA ILE A 122 39.45 6.54 4.79
C ILE A 122 39.99 7.01 6.15
N PRO A 123 41.15 7.69 6.16
CA PRO A 123 41.78 8.20 7.39
C PRO A 123 40.76 8.74 8.44
N SER A 124 39.70 9.38 7.94
CA SER A 124 38.70 10.06 8.76
C SER A 124 37.62 9.16 9.32
N ALA A 125 37.51 7.96 8.77
CA ALA A 125 36.58 6.93 9.24
C ALA A 125 37.21 6.08 10.33
N THR A 126 36.58 6.00 11.50
CA THR A 126 36.87 4.87 12.36
C THR A 126 35.89 3.75 11.97
N TRP A 127 36.17 2.49 12.35
CA TRP A 127 35.31 1.32 12.03
C TRP A 127 34.16 1.11 12.97
N LEU A 128 33.07 0.55 12.46
CA LEU A 128 32.00 -0.02 13.31
C LEU A 128 31.93 -1.50 13.06
N LYS A 129 32.14 -2.28 14.12
CA LYS A 129 32.11 -3.76 14.06
C LYS A 129 30.78 -4.28 13.50
N ASN A 130 30.87 -5.30 12.64
CA ASN A 130 29.70 -6.06 12.21
C ASN A 130 29.88 -7.54 12.62
N PRO A 131 29.51 -7.89 13.87
CA PRO A 131 29.63 -9.30 14.23
C PRO A 131 28.58 -10.15 13.49
N ARG A 132 27.71 -9.51 12.72
CA ARG A 132 26.60 -10.22 12.10
C ARG A 132 26.70 -10.37 10.59
N GLY A 133 27.87 -10.10 10.00
CA GLY A 133 28.01 -10.04 8.53
C GLY A 133 29.42 -9.67 8.15
N THR A 134 29.77 -9.72 6.87
CA THR A 134 31.14 -9.39 6.40
C THR A 134 31.54 -7.91 6.49
N ALA A 135 30.67 -7.05 5.98
CA ALA A 135 30.95 -5.61 5.84
C ALA A 135 30.85 -4.84 7.18
N PRO A 136 31.98 -4.34 7.70
CA PRO A 136 31.85 -3.42 8.82
C PRO A 136 31.62 -1.99 8.31
N GLY A 137 30.97 -1.16 9.11
CA GLY A 137 30.65 0.22 8.70
C GLY A 137 31.73 1.25 8.98
N TRP A 138 31.45 2.52 8.66
CA TRP A 138 32.32 3.67 9.01
C TRP A 138 31.58 4.77 9.72
N TRP A 139 32.37 5.50 10.53
CA TRP A 139 31.99 6.77 11.15
C TRP A 139 33.05 7.75 10.76
N VAL A 140 32.66 8.68 9.90
CA VAL A 140 33.55 9.77 9.51
C VAL A 140 33.18 10.97 10.34
N ARG A 141 34.18 11.56 10.98
CA ARG A 141 34.03 12.88 11.59
C ARG A 141 34.97 13.79 10.83
N LYS A 142 34.42 14.90 10.35
CA LYS A 142 35.16 15.83 9.50
C LYS A 142 34.45 17.18 9.33
N GLY A 143 35.13 18.25 9.74
CA GLY A 143 34.58 19.60 9.62
C GLY A 143 33.37 19.79 10.48
N GLY A 144 33.36 19.13 11.64
CA GLY A 144 32.24 19.18 12.58
C GLY A 144 31.03 18.39 12.10
N LYS A 145 31.23 17.54 11.10
CA LYS A 145 30.17 16.77 10.46
C LYS A 145 30.40 15.28 10.58
N ASP A 146 29.31 14.56 10.61
CA ASP A 146 29.37 13.14 10.72
C ASP A 146 28.84 12.54 9.45
N LEU A 147 29.53 11.50 9.01
CA LEU A 147 29.02 10.65 7.95
C LEU A 147 29.18 9.17 8.39
N VAL A 148 28.10 8.41 8.24
CA VAL A 148 28.03 7.01 8.65
C VAL A 148 27.65 6.11 7.45
N LEU A 149 28.45 5.07 7.22
CA LEU A 149 28.07 4.01 6.29
C LEU A 149 27.54 2.79 7.02
N LEU A 150 26.39 2.31 6.55
CA LEU A 150 25.79 1.15 7.12
C LEU A 150 25.54 0.06 6.05
N PRO A 151 25.64 -1.24 6.47
CA PRO A 151 25.25 -2.31 5.57
C PRO A 151 23.74 -2.21 5.35
N GLY A 152 23.28 -2.68 4.20
CA GLY A 152 21.88 -2.72 3.85
C GLY A 152 21.00 -3.63 4.70
N PRO A 153 21.43 -4.89 4.97
CA PRO A 153 20.46 -5.78 5.65
C PRO A 153 20.12 -5.25 7.05
N PRO A 154 18.82 -5.13 7.37
CA PRO A 154 18.44 -4.57 8.68
C PRO A 154 19.01 -5.29 9.91
N PRO A 155 19.13 -6.65 9.87
CA PRO A 155 19.63 -7.25 11.13
C PRO A 155 21.09 -6.91 11.34
N GLU A 156 21.77 -6.53 10.26
CA GLU A 156 23.15 -6.16 10.37
C GLU A 156 23.27 -4.72 10.85
N TRP A 157 22.44 -3.82 10.32
CA TRP A 157 22.66 -2.41 10.59
C TRP A 157 21.94 -1.87 11.81
N ARG A 158 20.74 -2.35 12.12
CA ARG A 158 20.07 -1.86 13.36
C ARG A 158 21.02 -1.87 14.55
N PRO A 159 21.64 -3.02 14.86
CA PRO A 159 22.47 -2.89 16.08
C PRO A 159 23.68 -1.91 15.96
N MET A 160 24.35 -1.85 14.81
CA MET A 160 25.48 -0.93 14.59
C MET A 160 25.06 0.52 14.76
N TRP A 161 24.00 0.88 14.06
CA TRP A 161 23.43 2.21 14.16
C TRP A 161 22.93 2.61 15.55
N GLN A 162 22.17 1.74 16.23
CA GLN A 162 21.70 2.01 17.59
C GLN A 162 22.89 2.33 18.50
N GLU A 163 24.05 1.78 18.17
CA GLU A 163 25.25 1.84 19.00
C GLU A 163 26.08 3.09 18.72
N VAL A 164 26.25 3.42 17.43
CA VAL A 164 26.97 4.66 17.06
C VAL A 164 26.11 5.95 17.17
N LEU A 165 24.79 5.85 16.99
CA LEU A 165 23.92 7.03 17.16
C LEU A 165 24.29 7.87 18.42
N PRO A 166 24.20 7.29 19.65
CA PRO A 166 24.40 8.15 20.82
C PRO A 166 25.76 8.82 20.84
N ARG A 167 26.65 8.37 19.97
CA ARG A 167 28.02 8.77 20.08
C ARG A 167 28.38 9.96 19.22
N LEU A 168 27.46 10.32 18.33
CA LEU A 168 27.73 11.30 17.26
C LEU A 168 27.67 12.73 17.78
N GLY A 169 27.16 12.88 18.98
CA GLY A 169 27.15 14.19 19.61
C GLY A 169 26.11 15.12 19.03
N LEU A 170 25.09 14.56 18.35
CA LEU A 170 23.96 15.33 17.77
C LEU A 170 23.11 16.08 18.82
N PRO A 171 22.47 17.19 18.41
CA PRO A 171 21.67 17.99 19.33
C PRO A 171 20.27 17.44 19.60
N ARG A 172 20.02 17.03 20.84
CA ARG A 172 18.73 16.50 21.27
C ARG A 172 17.64 17.60 21.26
N ARG A 173 16.37 17.21 21.17
CA ARG A 173 15.25 18.12 21.30
C ARG A 173 14.02 17.29 21.67
N PRO A 174 13.43 17.54 22.83
CA PRO A 174 12.36 16.63 23.22
C PRO A 174 11.27 16.63 22.16
N TYR A 175 10.90 15.44 21.71
CA TYR A 175 10.02 15.31 20.57
C TYR A 175 8.74 14.60 20.97
N ALA A 176 7.63 15.07 20.43
CA ALA A 176 6.40 14.28 20.53
C ALA A 176 5.63 14.29 19.23
N GLU A 177 4.66 13.42 19.12
CA GLU A 177 3.73 13.49 18.03
C GLU A 177 2.40 12.90 18.43
N ARG A 178 1.36 13.52 17.90
CA ARG A 178 0.01 13.02 18.06
C ARG A 178 -0.61 12.75 16.69
N VAL A 179 -1.12 11.54 16.52
CA VAL A 179 -1.88 11.14 15.34
C VAL A 179 -3.36 11.05 15.73
N LEU A 180 -4.16 11.85 15.04
CA LEU A 180 -5.61 11.92 15.19
C LEU A 180 -6.28 11.37 13.96
N LYS A 181 -7.16 10.41 14.17
CA LYS A 181 -7.82 9.79 13.05
C LYS A 181 -9.25 10.29 13.07
N THR A 182 -9.64 10.94 11.99
CA THR A 182 -11.03 11.34 11.79
C THR A 182 -11.78 10.57 10.68
N TRP A 183 -13.10 10.80 10.67
CA TRP A 183 -13.96 10.32 9.60
C TRP A 183 -15.02 11.35 9.40
N GLY A 184 -15.52 11.45 8.16
CA GLY A 184 -16.75 12.15 7.91
C GLY A 184 -16.48 13.62 7.76
N ILE A 185 -15.22 13.93 7.47
CA ILE A 185 -14.77 15.31 7.27
C ILE A 185 -13.61 15.38 6.24
N GLY A 186 -13.79 16.26 5.25
CA GLY A 186 -12.78 16.44 4.20
C GLY A 186 -11.63 17.39 4.55
N GLU A 187 -10.55 17.28 3.79
CA GLU A 187 -9.37 18.14 4.00
C GLU A 187 -9.66 19.63 4.08
N SER A 188 -10.44 20.13 3.14
CA SER A 188 -10.76 21.55 3.16
C SER A 188 -11.64 21.94 4.36
N GLU A 189 -12.53 21.06 4.86
CA GLU A 189 -13.31 21.40 6.07
C GLU A 189 -12.34 21.51 7.27
N ILE A 190 -11.41 20.58 7.37
CA ILE A 190 -10.46 20.58 8.48
C ILE A 190 -9.63 21.86 8.47
N VAL A 191 -9.25 22.28 7.26
CA VAL A 191 -8.48 23.51 7.08
C VAL A 191 -9.20 24.69 7.73
N GLU A 192 -10.48 24.78 7.37
CA GLU A 192 -11.36 25.84 7.78
C GLU A 192 -11.59 25.82 9.27
N ARG A 193 -11.80 24.63 9.85
CA ARG A 193 -12.12 24.54 11.27
C ARG A 193 -10.91 24.94 12.07
N LEU A 194 -9.74 24.54 11.60
CA LEU A 194 -8.53 24.75 12.36
C LEU A 194 -8.08 26.18 12.18
N GLY A 195 -8.26 26.71 10.98
CA GLY A 195 -7.81 28.09 10.70
C GLY A 195 -6.35 28.28 11.13
N PRO A 196 -6.08 29.15 12.12
CA PRO A 196 -4.67 29.39 12.44
C PRO A 196 -3.98 28.23 13.19
N LEU A 197 -4.75 27.26 13.69
CA LEU A 197 -4.16 26.12 14.41
C LEU A 197 -3.42 25.19 13.44
N PHE A 198 -3.55 25.48 12.14
CA PHE A 198 -2.90 24.70 11.08
C PHE A 198 -1.48 25.20 10.86
N VAL A 199 -0.70 25.10 11.92
CA VAL A 199 0.62 25.70 12.01
C VAL A 199 1.64 24.91 11.20
N ARG A 200 2.52 25.62 10.51
CA ARG A 200 3.63 24.97 9.82
C ARG A 200 4.92 25.73 10.08
N GLU A 201 5.62 25.37 11.16
CA GLU A 201 6.79 26.14 11.63
C GLU A 201 7.96 25.23 11.92
N GLU A 202 9.05 25.80 12.39
CA GLU A 202 10.18 24.95 12.75
C GLU A 202 10.00 24.18 14.06
N GLU A 203 9.41 24.79 15.08
CA GLU A 203 9.21 24.12 16.39
C GLU A 203 8.16 22.97 16.39
N VAL A 204 7.06 23.20 15.68
CA VAL A 204 5.91 22.32 15.67
C VAL A 204 5.36 22.42 14.29
N GLU A 205 4.78 21.33 13.80
CA GLU A 205 3.94 21.35 12.60
C GLU A 205 2.75 20.34 12.63
N VAL A 206 1.79 20.65 11.75
CA VAL A 206 0.55 19.93 11.56
C VAL A 206 0.46 19.56 10.09
N GLY A 207 0.05 18.33 9.80
CA GLY A 207 -0.38 17.98 8.46
C GLY A 207 -1.54 16.97 8.42
N THR A 208 -2.09 16.81 7.21
CA THR A 208 -3.26 15.95 6.98
C THR A 208 -2.98 14.99 5.82
N TYR A 209 -3.58 13.82 5.88
CA TYR A 209 -3.18 12.72 5.03
C TYR A 209 -4.47 11.99 4.83
N PRO A 210 -5.09 12.28 3.69
CA PRO A 210 -6.37 11.65 3.41
C PRO A 210 -6.11 10.19 3.14
N LYS A 211 -6.90 9.34 3.80
CA LYS A 211 -6.77 7.90 3.73
C LYS A 211 -8.13 7.36 3.34
N VAL A 212 -8.18 6.12 2.89
CA VAL A 212 -9.52 5.52 2.67
C VAL A 212 -10.35 5.44 3.96
N HIS A 213 -9.66 5.37 5.12
CA HIS A 213 -10.32 5.30 6.42
C HIS A 213 -10.58 6.61 7.09
N GLY A 214 -10.68 7.68 6.32
CA GLY A 214 -10.83 9.00 6.92
C GLY A 214 -9.53 9.81 6.90
N VAL A 215 -9.64 11.08 7.31
CA VAL A 215 -8.47 11.98 7.21
C VAL A 215 -7.67 11.94 8.49
N GLU A 216 -6.36 11.70 8.34
CA GLU A 216 -5.51 11.62 9.52
C GLU A 216 -4.87 12.98 9.73
N VAL A 217 -4.79 13.41 10.97
CA VAL A 217 -4.16 14.68 11.29
C VAL A 217 -3.03 14.37 12.24
N VAL A 218 -1.82 14.70 11.80
CA VAL A 218 -0.62 14.48 12.58
C VAL A 218 -0.05 15.82 13.02
N VAL A 219 0.23 15.95 14.31
CA VAL A 219 0.97 17.10 14.88
C VAL A 219 2.30 16.56 15.43
N ARG A 220 3.40 17.25 15.11
CA ARG A 220 4.77 16.77 15.35
C ARG A 220 5.86 17.91 15.51
N GLY A 221 6.72 17.77 16.53
CA GLY A 221 7.84 18.68 16.77
C GLY A 221 8.21 18.67 18.24
N ARG A 222 8.49 19.86 18.77
CA ARG A 222 8.76 20.06 20.19
C ARG A 222 7.67 19.51 21.07
N GLU A 223 8.05 18.67 22.04
CA GLU A 223 7.12 18.08 23.00
C GLU A 223 6.04 19.04 23.51
N ASP A 224 6.46 20.21 24.00
CA ASP A 224 5.50 21.08 24.70
C ASP A 224 4.56 21.80 23.74
N ARG A 225 5.03 22.09 22.54
CA ARG A 225 4.14 22.61 21.48
C ARG A 225 3.10 21.58 21.00
N VAL A 226 3.52 20.32 20.88
CA VAL A 226 2.65 19.32 20.28
C VAL A 226 1.54 19.04 21.26
N ALA A 227 1.87 18.79 22.53
CA ALA A 227 0.86 18.49 23.55
C ALA A 227 -0.37 19.41 23.44
N GLU A 228 -0.14 20.72 23.41
CA GLU A 228 -1.17 21.72 23.66
C GLU A 228 -1.90 22.12 22.41
N LEU A 229 -1.11 22.24 21.35
CA LEU A 229 -1.62 22.38 19.99
C LEU A 229 -2.48 21.18 19.51
N ALA A 230 -2.02 19.95 19.76
CA ALA A 230 -2.78 18.75 19.40
C ALA A 230 -4.08 18.64 20.15
N GLU A 231 -4.07 18.89 21.47
CA GLU A 231 -5.30 18.91 22.26
C GLU A 231 -6.30 19.96 21.77
N ARG A 232 -5.77 21.09 21.32
CA ARG A 232 -6.64 22.13 20.76
C ARG A 232 -7.29 21.66 19.46
N ILE A 233 -6.50 20.95 18.66
CA ILE A 233 -7.03 20.40 17.44
C ILE A 233 -8.01 19.27 17.73
N LYS A 234 -7.75 18.42 18.72
CA LYS A 234 -8.72 17.38 19.06
C LYS A 234 -10.05 18.04 19.40
N LYS A 235 -10.01 19.17 20.11
CA LYS A 235 -11.21 19.90 20.56
C LYS A 235 -12.06 20.38 19.39
N LYS A 236 -11.41 21.06 18.46
CA LYS A 236 -11.98 21.42 17.16
C LYS A 236 -12.53 20.28 16.35
N LEU A 237 -11.99 19.08 16.49
CA LEU A 237 -12.46 17.94 15.73
C LEU A 237 -13.17 16.87 16.56
N LEU A 238 -13.70 17.26 17.71
CA LEU A 238 -14.09 16.31 18.74
C LEU A 238 -14.99 15.22 18.20
N LYS A 239 -16.00 15.62 17.44
CA LYS A 239 -17.01 14.63 17.05
C LYS A 239 -16.57 13.73 15.91
N GLU A 240 -15.62 14.21 15.11
CA GLU A 240 -15.09 13.42 13.99
C GLU A 240 -13.84 12.54 14.28
N VAL A 241 -13.11 12.82 15.36
CA VAL A 241 -12.02 11.92 15.80
C VAL A 241 -12.58 10.66 16.42
N TRP A 242 -12.28 9.53 15.81
CA TRP A 242 -12.68 8.22 16.30
C TRP A 242 -11.58 7.46 17.00
N GLY A 243 -10.34 7.84 16.75
CA GLY A 243 -9.21 7.24 17.46
C GLY A 243 -7.91 7.99 17.29
N GLU A 244 -6.87 7.47 17.93
CA GLU A 244 -5.52 8.04 17.96
C GLU A 244 -4.44 6.98 17.78
N GLY A 245 -3.24 7.44 17.43
CA GLY A 245 -2.09 6.55 17.35
C GLY A 245 -2.33 5.34 16.49
N GLU A 246 -2.09 4.17 17.08
CA GLU A 246 -2.19 2.88 16.38
C GLU A 246 -3.64 2.48 16.19
N MET A 247 -4.57 3.11 16.92
CA MET A 247 -5.96 2.69 16.84
C MET A 247 -6.42 2.50 15.36
N THR A 248 -7.22 1.46 15.13
CA THR A 248 -7.88 1.27 13.84
C THR A 248 -9.41 1.13 14.02
N LEU A 249 -10.14 1.27 12.91
CA LEU A 249 -11.58 1.23 12.99
C LEU A 249 -12.07 -0.15 13.44
N ALA A 250 -11.47 -1.22 12.90
CA ALA A 250 -11.84 -2.59 13.25
C ALA A 250 -11.59 -2.76 14.75
N GLU A 251 -10.42 -2.33 15.20
CA GLU A 251 -10.10 -2.32 16.64
C GLU A 251 -11.13 -1.52 17.46
N ALA A 252 -11.53 -0.37 16.95
CA ALA A 252 -12.47 0.45 17.68
C ALA A 252 -13.83 -0.24 17.84
N VAL A 253 -14.30 -0.84 16.74
CA VAL A 253 -15.51 -1.66 16.75
C VAL A 253 -15.41 -2.78 17.80
N LYS A 254 -14.28 -3.50 17.80
CA LYS A 254 -14.02 -4.54 18.77
C LYS A 254 -14.17 -4.05 20.21
N ARG A 255 -13.63 -2.89 20.56
CA ARG A 255 -13.74 -2.46 21.97
C ARG A 255 -15.17 -2.09 22.38
N ARG A 256 -15.97 -1.56 21.45
CA ARG A 256 -17.36 -1.25 21.71
C ARG A 256 -18.17 -2.53 21.97
N MET A 257 -17.92 -3.54 21.15
CA MET A 257 -18.59 -4.79 21.30
C MET A 257 -18.20 -5.40 22.66
N GLU A 258 -16.91 -5.37 23.04
CA GLU A 258 -16.51 -6.00 24.34
C GLU A 258 -17.15 -5.26 25.53
N ARG A 259 -17.10 -3.94 25.45
CA ARG A 259 -17.68 -3.03 26.42
C ARG A 259 -19.19 -3.26 26.69
N GLU A 260 -19.94 -3.53 25.63
CA GLU A 260 -21.39 -3.75 25.67
C GLU A 260 -21.77 -5.21 25.90
N GLY A 261 -20.80 -6.08 25.68
CA GLY A 261 -20.97 -7.51 25.57
C GLY A 261 -21.90 -7.87 24.42
N ALA A 262 -21.71 -7.20 23.29
CA ALA A 262 -22.62 -7.27 22.17
C ALA A 262 -22.00 -8.06 21.03
N THR A 263 -22.85 -8.49 20.10
CA THR A 263 -22.41 -9.24 18.92
C THR A 263 -22.77 -8.42 17.70
N LEU A 264 -22.06 -8.74 16.62
CA LEU A 264 -22.22 -8.07 15.34
C LEU A 264 -22.36 -9.07 14.18
N SER A 265 -23.12 -8.70 13.14
CA SER A 265 -23.11 -9.44 11.85
C SER A 265 -23.24 -8.49 10.64
N THR A 266 -23.08 -9.05 9.44
CA THR A 266 -23.03 -8.21 8.27
C THR A 266 -23.84 -8.72 7.07
N MET A 267 -24.35 -7.77 6.27
CA MET A 267 -24.90 -8.11 4.95
C MET A 267 -24.33 -7.12 3.93
N GLU A 268 -23.49 -7.64 3.02
CA GLU A 268 -22.67 -6.84 2.12
C GLU A 268 -23.04 -7.08 0.66
N SER A 269 -23.05 -6.01 -0.13
CA SER A 269 -23.06 -6.18 -1.58
C SER A 269 -21.79 -5.74 -2.31
N LEU A 270 -21.71 -4.47 -2.72
CA LEU A 270 -20.60 -4.02 -3.54
C LEU A 270 -19.23 -4.42 -2.99
N THR A 271 -19.11 -4.39 -1.66
CA THR A 271 -17.87 -4.68 -0.94
C THR A 271 -17.50 -6.16 -0.98
N GLY A 272 -18.49 -7.03 -1.22
CA GLY A 272 -18.24 -8.40 -1.63
C GLY A 272 -17.60 -9.34 -0.62
N GLY A 273 -17.54 -8.92 0.66
CA GLY A 273 -17.01 -9.74 1.77
C GLY A 273 -15.92 -8.94 2.46
N LEU A 274 -15.62 -7.78 1.89
CA LEU A 274 -14.50 -7.00 2.37
C LEU A 274 -14.69 -6.35 3.75
N LEU A 275 -15.93 -6.14 4.13
CA LEU A 275 -16.26 -5.60 5.45
C LEU A 275 -16.08 -6.66 6.53
N GLY A 276 -16.52 -7.89 6.23
CA GLY A 276 -16.26 -9.02 7.12
C GLY A 276 -14.76 -9.22 7.23
N ALA A 277 -14.05 -9.17 6.08
CA ALA A 277 -12.59 -9.35 6.06
C ALA A 277 -11.96 -8.40 7.08
N GLU A 278 -12.45 -7.18 7.05
CA GLU A 278 -11.87 -6.12 7.81
C GLU A 278 -12.23 -6.25 9.31
N ILE A 279 -13.47 -6.56 9.59
CA ILE A 279 -13.83 -6.88 10.96
C ILE A 279 -12.90 -7.96 11.56
N THR A 280 -12.68 -9.04 10.80
CA THR A 280 -11.93 -10.20 11.31
C THR A 280 -10.42 -10.02 11.19
N ARG A 281 -9.96 -8.85 10.78
CA ARG A 281 -8.51 -8.59 10.68
C ARG A 281 -7.83 -8.66 12.05
N VAL A 282 -8.61 -8.30 13.07
CA VAL A 282 -8.19 -8.16 14.45
C VAL A 282 -8.43 -9.45 15.27
N PRO A 283 -7.34 -10.04 15.81
CA PRO A 283 -7.37 -11.22 16.71
C PRO A 283 -8.45 -11.05 17.77
N GLY A 284 -9.27 -12.06 18.01
CA GLY A 284 -10.36 -11.91 19.00
C GLY A 284 -11.71 -11.57 18.37
N ALA A 285 -11.76 -11.41 17.05
CA ALA A 285 -13.04 -11.15 16.38
C ALA A 285 -14.16 -12.23 16.58
N SER A 286 -13.79 -13.51 16.73
CA SER A 286 -14.80 -14.57 17.02
C SER A 286 -15.52 -14.51 18.39
N ARG A 287 -15.10 -13.61 19.26
CA ARG A 287 -15.84 -13.35 20.47
C ARG A 287 -17.11 -12.52 20.25
N PHE A 288 -17.18 -11.73 19.16
CA PHE A 288 -18.40 -10.92 18.91
C PHE A 288 -18.97 -11.01 17.50
N TYR A 289 -18.13 -11.37 16.54
CA TYR A 289 -18.62 -11.36 15.19
C TYR A 289 -19.23 -12.70 14.78
N LEU A 290 -20.55 -12.73 14.68
CA LEU A 290 -21.28 -13.97 14.43
C LEU A 290 -21.10 -14.47 13.01
N GLY A 291 -20.93 -13.53 12.09
CA GLY A 291 -20.63 -13.80 10.68
C GLY A 291 -21.37 -12.83 9.82
N GLY A 292 -21.62 -13.19 8.56
CA GLY A 292 -22.33 -12.30 7.65
C GLY A 292 -22.63 -13.00 6.35
N VAL A 293 -23.40 -12.33 5.51
CA VAL A 293 -23.64 -12.80 4.14
C VAL A 293 -23.12 -11.78 3.13
N VAL A 294 -22.83 -12.28 1.96
CA VAL A 294 -22.48 -11.43 0.88
C VAL A 294 -23.60 -11.66 -0.11
N SER A 295 -24.46 -10.68 -0.27
CA SER A 295 -25.57 -10.83 -1.15
C SER A 295 -25.33 -10.08 -2.45
N TYR A 296 -24.42 -10.62 -3.27
CA TYR A 296 -23.98 -10.01 -4.49
C TYR A 296 -25.03 -10.03 -5.62
N SER A 297 -25.83 -11.09 -5.72
CA SER A 297 -26.87 -11.14 -6.73
C SER A 297 -28.25 -10.67 -6.18
N VAL A 298 -29.13 -10.24 -7.08
CA VAL A 298 -30.50 -9.88 -6.70
C VAL A 298 -31.17 -11.04 -5.93
N GLY A 299 -31.17 -12.24 -6.54
CA GLY A 299 -31.59 -13.51 -5.94
C GLY A 299 -31.00 -13.71 -4.55
N ALA A 300 -29.70 -13.45 -4.37
CA ALA A 300 -29.13 -13.56 -3.03
C ALA A 300 -29.74 -12.53 -2.04
N LYS A 301 -29.89 -11.28 -2.47
CA LYS A 301 -30.59 -10.28 -1.68
C LYS A 301 -32.01 -10.70 -1.27
N ALA A 302 -32.76 -11.29 -2.23
CA ALA A 302 -34.13 -11.80 -1.96
C ALA A 302 -34.11 -13.01 -0.98
N ARG A 303 -33.22 -13.96 -1.24
CA ARG A 303 -32.98 -15.06 -0.35
C ARG A 303 -32.70 -14.63 1.10
N PHE A 304 -31.94 -13.57 1.30
CA PHE A 304 -31.53 -13.21 2.65
C PHE A 304 -32.40 -12.12 3.26
N GLY A 305 -33.52 -11.80 2.61
CA GLY A 305 -34.57 -11.04 3.24
C GLY A 305 -34.75 -9.61 2.80
N VAL A 306 -34.07 -9.15 1.75
CA VAL A 306 -34.42 -7.84 1.21
C VAL A 306 -35.80 -7.96 0.55
N PRO A 307 -36.72 -7.07 0.91
CA PRO A 307 -38.08 -7.22 0.42
C PRO A 307 -38.15 -7.09 -1.10
N GLN A 308 -38.99 -7.92 -1.71
CA GLN A 308 -39.15 -8.01 -3.16
C GLN A 308 -39.40 -6.66 -3.80
N ASP A 309 -40.18 -5.80 -3.15
CA ASP A 309 -40.46 -4.46 -3.71
C ASP A 309 -39.23 -3.53 -3.83
N LEU A 310 -38.11 -3.92 -3.24
CA LEU A 310 -36.92 -3.07 -3.26
C LEU A 310 -35.91 -3.54 -4.26
N LEU A 311 -36.19 -4.65 -4.92
CA LEU A 311 -35.23 -5.39 -5.73
C LEU A 311 -34.80 -4.72 -7.02
N SER A 312 -35.54 -3.68 -7.36
CA SER A 312 -35.35 -2.81 -8.48
C SER A 312 -34.66 -1.54 -8.02
N ARG A 313 -34.44 -1.41 -6.72
CA ARG A 313 -33.64 -0.30 -6.21
C ARG A 313 -32.78 -0.71 -5.00
N THR A 314 -31.91 -1.66 -5.28
CA THR A 314 -31.03 -2.16 -4.26
C THR A 314 -30.08 -1.04 -3.82
N VAL A 315 -29.83 -0.07 -4.71
CA VAL A 315 -28.96 1.05 -4.37
C VAL A 315 -29.84 2.18 -3.81
N SER A 316 -30.18 2.09 -2.53
CA SER A 316 -31.03 3.10 -1.87
C SER A 316 -30.94 3.00 -0.36
N ALA A 317 -31.34 4.08 0.34
CA ALA A 317 -31.36 4.08 1.81
C ALA A 317 -32.30 3.05 2.37
N GLU A 318 -33.44 2.85 1.70
CA GLU A 318 -34.44 1.85 2.16
C GLU A 318 -33.85 0.45 2.11
N THR A 319 -33.07 0.16 1.09
CA THR A 319 -32.62 -1.19 0.94
C THR A 319 -31.54 -1.35 2.01
N ALA A 320 -30.65 -0.37 2.15
CA ALA A 320 -29.59 -0.54 3.17
C ALA A 320 -30.15 -0.83 4.58
N ARG A 321 -31.21 -0.10 4.93
CA ARG A 321 -31.91 -0.30 6.17
C ARG A 321 -32.48 -1.72 6.27
N ALA A 322 -33.10 -2.17 5.20
CA ALA A 322 -33.70 -3.48 5.17
C ALA A 322 -32.61 -4.53 5.32
N MET A 323 -31.46 -4.32 4.66
CA MET A 323 -30.38 -5.27 4.63
C MET A 323 -29.81 -5.42 6.00
N ALA A 324 -29.63 -4.30 6.68
CA ALA A 324 -29.05 -4.38 8.02
C ALA A 324 -30.08 -4.98 8.99
N GLU A 325 -31.35 -4.67 8.78
CA GLU A 325 -32.38 -5.20 9.66
C GLU A 325 -32.44 -6.71 9.45
N ALA A 326 -32.36 -7.10 8.18
CA ALA A 326 -32.39 -8.51 7.79
C ALA A 326 -31.24 -9.33 8.42
N ALA A 327 -30.03 -8.76 8.40
CA ALA A 327 -28.84 -9.42 8.90
C ALA A 327 -28.98 -9.65 10.40
N ARG A 328 -29.49 -8.62 11.05
CA ARG A 328 -29.70 -8.61 12.47
C ARG A 328 -30.66 -9.73 12.93
N SER A 329 -31.73 -9.88 12.18
CA SER A 329 -32.74 -10.86 12.44
C SER A 329 -32.24 -12.29 12.13
N LEU A 330 -31.46 -12.40 11.06
CA LEU A 330 -31.00 -13.66 10.49
C LEU A 330 -29.88 -14.22 11.34
N PHE A 331 -29.09 -13.33 11.90
CA PHE A 331 -27.98 -13.79 12.73
C PHE A 331 -28.24 -13.71 14.21
N GLY A 332 -29.34 -13.06 14.61
CA GLY A 332 -29.63 -12.88 16.05
C GLY A 332 -28.57 -12.09 16.77
N SER A 333 -27.96 -11.16 16.04
CA SER A 333 -26.85 -10.36 16.58
C SER A 333 -27.37 -9.04 17.20
N THR A 334 -26.64 -8.47 18.15
CA THR A 334 -27.06 -7.19 18.73
C THR A 334 -26.99 -6.10 17.64
N TYR A 335 -25.92 -6.09 16.85
CA TYR A 335 -25.82 -5.13 15.76
C TYR A 335 -25.64 -5.79 14.40
N ALA A 336 -26.03 -5.08 13.36
CA ALA A 336 -25.63 -5.51 12.02
C ALA A 336 -25.31 -4.32 11.14
N LEU A 337 -24.23 -4.46 10.39
CA LEU A 337 -23.88 -3.53 9.32
C LEU A 337 -24.33 -4.04 7.94
N ALA A 338 -24.65 -3.13 7.04
CA ALA A 338 -24.99 -3.46 5.63
C ALA A 338 -24.26 -2.52 4.68
N THR A 339 -23.90 -2.97 3.48
CA THR A 339 -23.38 -2.08 2.42
C THR A 339 -24.07 -2.36 1.10
N THR A 340 -24.53 -1.29 0.45
CA THR A 340 -25.11 -1.43 -0.87
C THR A 340 -24.68 -0.22 -1.72
N GLY A 341 -24.42 -0.42 -3.00
CA GLY A 341 -23.87 0.68 -3.79
C GLY A 341 -23.36 0.34 -5.18
N VAL A 342 -22.63 1.30 -5.76
CA VAL A 342 -22.02 1.13 -7.07
C VAL A 342 -20.50 1.31 -6.94
N ALA A 343 -19.72 0.23 -7.04
CA ALA A 343 -18.27 0.37 -7.01
C ALA A 343 -17.69 0.89 -8.34
N GLY A 344 -18.41 0.68 -9.42
CA GLY A 344 -17.85 0.96 -10.73
C GLY A 344 -16.97 -0.17 -11.23
N PRO A 345 -16.60 -0.14 -12.53
CA PRO A 345 -16.77 0.97 -13.50
C PRO A 345 -18.18 1.10 -14.06
N ASP A 346 -18.96 0.05 -14.01
CA ASP A 346 -20.30 0.10 -14.56
C ASP A 346 -21.28 0.73 -13.55
N PRO A 347 -22.27 1.51 -14.05
CA PRO A 347 -23.32 2.01 -13.18
C PRO A 347 -24.28 0.86 -12.81
N LEU A 348 -25.19 1.07 -11.88
CA LEU A 348 -26.21 0.09 -11.54
C LEU A 348 -27.48 0.87 -11.18
N GLU A 349 -28.62 0.41 -11.66
CA GLU A 349 -29.93 1.05 -11.47
C GLU A 349 -29.94 2.55 -11.85
N GLY A 350 -29.14 2.92 -12.88
CA GLY A 350 -28.96 4.33 -13.31
C GLY A 350 -28.18 5.21 -12.35
N GLU A 351 -27.59 4.65 -11.29
CA GLU A 351 -26.75 5.43 -10.36
C GLU A 351 -25.28 5.25 -10.69
N PRO A 352 -24.47 6.32 -10.58
CA PRO A 352 -23.04 6.32 -10.96
C PRO A 352 -22.04 5.71 -9.96
N PRO A 353 -20.90 5.22 -10.47
CA PRO A 353 -19.92 4.69 -9.54
C PRO A 353 -19.70 5.61 -8.33
N GLY A 354 -19.55 5.02 -7.11
CA GLY A 354 -19.22 5.73 -5.88
C GLY A 354 -20.46 6.07 -5.07
N THR A 355 -21.63 5.80 -5.64
CA THR A 355 -22.85 5.89 -4.88
C THR A 355 -22.98 4.73 -3.88
N VAL A 356 -23.11 5.08 -2.60
CA VAL A 356 -22.96 4.10 -1.54
C VAL A 356 -23.88 4.38 -0.36
N TYR A 357 -24.59 3.35 0.04
CA TYR A 357 -25.33 3.41 1.29
C TYR A 357 -24.73 2.45 2.30
N VAL A 358 -24.57 2.92 3.53
CA VAL A 358 -24.13 2.05 4.62
C VAL A 358 -25.22 2.13 5.70
N ALA A 359 -25.57 1.00 6.32
CA ALA A 359 -26.55 1.01 7.39
C ALA A 359 -26.04 0.27 8.64
N LEU A 360 -26.46 0.74 9.82
CA LEU A 360 -26.31 0.04 11.08
C LEU A 360 -27.71 -0.26 11.63
N ALA A 361 -27.96 -1.50 12.05
CA ALA A 361 -29.18 -1.81 12.81
C ALA A 361 -28.82 -2.26 14.20
N GLY A 362 -29.59 -1.82 15.18
CA GLY A 362 -29.37 -2.36 16.53
C GLY A 362 -30.63 -2.37 17.37
N PRO A 363 -30.49 -2.54 18.69
CA PRO A 363 -31.66 -2.80 19.56
C PRO A 363 -32.73 -1.71 19.47
N THR A 364 -32.30 -0.46 19.34
CA THR A 364 -33.19 0.70 19.35
C THR A 364 -33.54 1.22 17.94
N GLY A 365 -33.25 0.45 16.89
CA GLY A 365 -33.53 0.92 15.55
C GLY A 365 -32.37 0.88 14.57
N ALA A 366 -32.57 1.53 13.44
CA ALA A 366 -31.60 1.49 12.37
C ALA A 366 -31.29 2.90 11.83
N GLU A 367 -30.08 3.05 11.27
CA GLU A 367 -29.70 4.27 10.59
C GLU A 367 -28.91 4.01 9.29
N VAL A 368 -29.03 4.95 8.36
CA VAL A 368 -28.37 4.89 7.08
C VAL A 368 -27.55 6.14 6.82
N ARG A 369 -26.37 5.97 6.21
CA ARG A 369 -25.64 7.15 5.61
C ARG A 369 -25.34 6.94 4.11
N ARG A 370 -25.40 8.07 3.40
CA ARG A 370 -25.21 8.13 1.96
C ARG A 370 -23.90 8.81 1.57
N TYR A 371 -23.15 8.19 0.66
CA TYR A 371 -21.90 8.80 0.20
C TYR A 371 -21.83 8.80 -1.29
N ARG A 372 -21.04 9.75 -1.82
CA ARG A 372 -20.66 9.74 -3.22
C ARG A 372 -19.12 9.70 -3.31
N PHE A 373 -18.55 8.50 -3.19
CA PHE A 373 -17.09 8.37 -3.13
C PHE A 373 -16.45 8.47 -4.53
N PRO A 374 -15.45 9.33 -4.68
CA PRO A 374 -14.59 9.22 -5.87
C PRO A 374 -13.52 8.07 -5.72
N GLY A 375 -13.08 7.50 -6.82
CA GLY A 375 -12.14 6.40 -6.76
C GLY A 375 -12.42 5.42 -7.87
N ASP A 376 -11.48 4.50 -8.07
CA ASP A 376 -11.80 3.35 -8.89
C ASP A 376 -12.59 2.31 -8.08
N ARG A 377 -12.81 1.15 -8.69
CA ARG A 377 -13.52 0.07 -8.07
C ARG A 377 -12.95 -0.29 -6.68
N GLU A 378 -11.65 -0.53 -6.60
CA GLU A 378 -11.05 -0.94 -5.33
C GLU A 378 -11.25 0.16 -4.28
N THR A 379 -11.12 1.40 -4.69
CA THR A 379 -11.16 2.51 -3.76
C THR A 379 -12.57 2.67 -3.14
N VAL A 380 -13.60 2.65 -3.97
CA VAL A 380 -14.95 2.81 -3.51
C VAL A 380 -15.34 1.69 -2.53
N ARG A 381 -14.91 0.46 -2.82
CA ARG A 381 -15.22 -0.68 -1.99
C ARG A 381 -14.56 -0.44 -0.62
N LEU A 382 -13.30 -0.01 -0.64
CA LEU A 382 -12.58 0.22 0.59
C LEU A 382 -13.21 1.32 1.46
N ARG A 383 -13.56 2.46 0.87
CA ARG A 383 -14.16 3.56 1.63
C ARG A 383 -15.51 3.14 2.22
N SER A 384 -16.29 2.38 1.44
CA SER A 384 -17.54 1.76 1.90
C SER A 384 -17.30 0.93 3.18
N VAL A 385 -16.22 0.14 3.19
CA VAL A 385 -15.94 -0.69 4.35
C VAL A 385 -15.75 0.24 5.59
N TYR A 386 -14.88 1.24 5.47
CA TYR A 386 -14.62 2.08 6.63
C TYR A 386 -15.84 2.91 6.98
N ALA A 387 -16.62 3.29 5.98
CA ALA A 387 -17.86 4.02 6.19
C ALA A 387 -18.82 3.21 7.08
N ALA A 388 -18.98 1.92 6.76
CA ALA A 388 -19.85 1.06 7.54
C ALA A 388 -19.29 1.00 8.94
N LEU A 389 -17.97 0.84 9.06
CA LEU A 389 -17.37 0.67 10.39
C LEU A 389 -17.57 1.97 11.23
N ALA A 390 -17.39 3.15 10.57
CA ALA A 390 -17.65 4.44 11.22
C ALA A 390 -19.02 4.59 11.90
N LEU A 391 -20.06 3.98 11.33
CA LEU A 391 -21.39 4.04 11.89
C LEU A 391 -21.40 3.60 13.38
N LEU A 392 -20.51 2.69 13.74
CA LEU A 392 -20.46 2.14 15.08
C LEU A 392 -19.62 2.95 16.08
N VAL A 393 -18.74 3.79 15.58
CA VAL A 393 -17.83 4.47 16.48
C VAL A 393 -17.91 5.96 16.21
N THR A 394 -18.91 6.38 15.44
CA THR A 394 -19.03 7.74 14.84
C THR A 394 -17.66 8.39 14.59
N MET B 1 23.23 9.05 -22.53
CA MET B 1 21.77 8.85 -22.23
C MET B 1 21.22 9.86 -21.22
N GLU B 2 20.22 10.63 -21.63
CA GLU B 2 19.58 11.62 -20.77
C GLU B 2 18.87 11.02 -19.55
N ARG B 3 18.72 11.83 -18.51
CA ARG B 3 18.16 11.42 -17.22
C ARG B 3 16.64 11.62 -17.07
N ALA B 4 16.03 10.76 -16.26
CA ALA B 4 14.67 11.00 -15.79
C ALA B 4 14.73 11.07 -14.29
N GLU B 5 14.09 12.10 -13.73
CA GLU B 5 14.16 12.35 -12.28
C GLU B 5 12.77 12.18 -11.66
N ILE B 6 12.70 11.53 -10.51
CA ILE B 6 11.40 11.16 -9.95
C ILE B 6 11.30 11.51 -8.47
N LEU B 7 10.30 12.33 -8.14
CA LEU B 7 10.21 12.87 -6.80
C LEU B 7 8.84 12.59 -6.21
N GLY B 8 8.80 11.87 -5.07
CA GLY B 8 7.54 11.66 -4.35
C GLY B 8 7.47 12.73 -3.29
N VAL B 9 6.35 13.45 -3.18
CA VAL B 9 6.27 14.61 -2.31
C VAL B 9 5.33 14.27 -1.17
N GLY B 10 5.89 14.10 0.01
CA GLY B 10 5.10 13.97 1.23
C GLY B 10 6.04 13.74 2.38
N THR B 11 5.94 14.56 3.43
CA THR B 11 6.66 14.29 4.67
C THR B 11 6.43 12.86 5.18
N GLU B 12 5.18 12.35 5.10
CA GLU B 12 4.87 10.98 5.52
C GLU B 12 5.69 9.98 4.72
N LEU B 13 5.97 10.32 3.47
CA LEU B 13 6.88 9.48 2.67
C LEU B 13 8.31 9.37 3.23
N LEU B 14 8.82 10.43 3.89
CA LEU B 14 10.18 10.37 4.42
C LEU B 14 10.30 9.35 5.53
N TYR B 15 9.22 9.25 6.29
CA TYR B 15 9.17 8.50 7.51
C TYR B 15 8.52 7.16 7.32
N GLY B 16 8.00 6.91 6.10
CA GLY B 16 7.38 5.64 5.75
C GLY B 16 6.12 5.41 6.54
N GLU B 17 5.44 6.48 6.92
CA GLU B 17 4.11 6.41 7.54
C GLU B 17 3.15 5.90 6.49
N THR B 18 3.39 6.32 5.26
CA THR B 18 2.93 5.66 4.05
C THR B 18 4.25 5.23 3.32
N LEU B 19 4.23 4.07 2.72
CA LEU B 19 5.38 3.58 1.98
C LEU B 19 5.36 4.21 0.59
N ASP B 20 6.51 4.67 0.12
CA ASP B 20 6.56 5.28 -1.20
C ASP B 20 6.74 4.19 -2.24
N THR B 21 5.66 3.84 -2.92
CA THR B 21 5.71 2.86 -3.99
C THR B 21 5.56 3.67 -5.26
N ASN B 22 4.95 4.84 -5.16
CA ASN B 22 4.80 5.73 -6.34
C ASN B 22 6.07 5.92 -7.17
N THR B 23 7.18 6.34 -6.54
CA THR B 23 8.38 6.69 -7.32
C THR B 23 8.91 5.51 -8.10
N ALA B 24 8.89 4.35 -7.44
CA ALA B 24 9.39 3.10 -8.02
C ALA B 24 8.49 2.65 -9.19
N GLU B 25 7.17 2.76 -9.02
CA GLU B 25 6.25 2.42 -10.08
C GLU B 25 6.50 3.26 -11.32
N ILE B 26 6.67 4.56 -11.11
CA ILE B 26 6.98 5.44 -12.21
C ILE B 26 8.29 4.99 -12.88
N ALA B 27 9.31 4.70 -12.07
CA ALA B 27 10.60 4.25 -12.56
C ALA B 27 10.51 2.98 -13.42
N ARG B 28 9.65 2.03 -12.99
CA ARG B 28 9.50 0.78 -13.73
C ARG B 28 8.72 1.08 -15.00
N SER B 29 7.75 1.99 -14.95
CA SER B 29 7.05 2.36 -16.21
C SER B 29 8.01 2.98 -17.27
N LEU B 30 9.21 3.41 -16.85
CA LEU B 30 10.06 4.16 -17.75
C LEU B 30 11.08 3.30 -18.42
N LYS B 31 11.20 2.05 -17.97
CA LYS B 31 12.10 1.07 -18.57
C LYS B 31 12.09 0.86 -20.10
N PRO B 32 10.91 0.89 -20.74
CA PRO B 32 10.90 0.85 -22.22
C PRO B 32 11.44 2.09 -22.91
N TYR B 33 12.05 2.99 -22.14
CA TYR B 33 12.49 4.27 -22.71
C TYR B 33 13.97 4.50 -22.46
N ALA B 34 14.64 5.18 -23.38
CA ALA B 34 16.07 5.35 -23.20
C ALA B 34 16.41 6.53 -22.29
N LEU B 35 15.96 6.44 -21.04
CA LEU B 35 16.46 7.40 -20.06
C LEU B 35 17.06 6.65 -18.90
N LYS B 36 18.10 7.22 -18.31
CA LYS B 36 18.67 6.71 -17.09
C LYS B 36 17.90 7.24 -15.88
N VAL B 37 17.71 6.37 -14.88
CA VAL B 37 17.21 6.80 -13.58
C VAL B 37 18.36 6.59 -12.60
N GLU B 38 18.99 7.69 -12.20
CA GLU B 38 20.20 7.66 -11.35
C GLU B 38 19.84 7.66 -9.87
N ARG B 39 18.65 8.17 -9.56
CA ARG B 39 18.18 8.29 -8.20
C ARG B 39 16.70 8.65 -8.19
N THR B 40 16.05 8.45 -7.06
CA THR B 40 14.69 8.96 -6.85
C THR B 40 14.74 9.66 -5.52
N LEU B 41 13.83 10.64 -5.32
CA LEU B 41 13.75 11.43 -4.09
C LEU B 41 12.38 11.36 -3.42
N ARG B 42 12.35 11.48 -2.09
CA ARG B 42 11.13 11.73 -1.36
C ARG B 42 11.45 13.09 -0.73
N VAL B 43 10.55 14.06 -0.90
CA VAL B 43 10.67 15.36 -0.32
C VAL B 43 9.53 15.67 0.62
N ALA B 44 9.92 16.22 1.78
CA ALA B 44 9.00 16.77 2.74
C ALA B 44 8.14 17.84 2.09
N ASP B 45 6.99 18.08 2.73
CA ASP B 45 6.06 19.14 2.36
C ASP B 45 6.47 20.56 2.75
N GLU B 46 7.52 21.10 2.14
CA GLU B 46 8.04 22.42 2.47
C GLU B 46 8.38 23.13 1.15
N VAL B 47 7.87 24.34 0.94
CA VAL B 47 8.03 25.01 -0.37
C VAL B 47 9.49 25.28 -0.78
N ALA B 48 10.33 25.81 0.11
CA ALA B 48 11.68 26.14 -0.32
C ALA B 48 12.52 24.92 -0.62
N PRO B 49 12.62 23.97 0.32
CA PRO B 49 13.38 22.82 -0.07
C PRO B 49 12.86 22.27 -1.40
N LEU B 50 11.53 22.31 -1.60
CA LEU B 50 10.98 21.56 -2.74
C LEU B 50 11.28 22.27 -4.04
N ALA B 51 11.29 23.59 -3.96
CA ALA B 51 11.65 24.35 -5.15
C ALA B 51 13.09 24.06 -5.51
N ARG B 52 13.98 24.06 -4.51
CA ARG B 52 15.39 23.73 -4.76
C ARG B 52 15.51 22.38 -5.52
N GLU B 53 14.90 21.29 -4.99
CA GLU B 53 15.01 19.94 -5.61
C GLU B 53 14.38 19.87 -7.00
N VAL B 54 13.33 20.64 -7.18
CA VAL B 54 12.72 20.67 -8.48
C VAL B 54 13.58 21.41 -9.47
N GLU B 55 14.15 22.55 -9.03
CA GLU B 55 14.99 23.37 -9.91
C GLU B 55 16.13 22.46 -10.37
N GLU B 56 16.84 21.92 -9.39
CA GLU B 56 17.97 21.02 -9.64
C GLU B 56 17.64 19.84 -10.52
N ALA B 57 16.49 19.19 -10.27
CA ALA B 57 16.13 17.99 -11.06
C ALA B 57 15.83 18.32 -12.49
N PHE B 58 15.25 19.48 -12.69
CA PHE B 58 14.93 19.96 -14.02
C PHE B 58 16.19 20.30 -14.81
N ALA B 59 17.22 20.80 -14.14
CA ALA B 59 18.38 21.30 -14.87
C ALA B 59 19.16 20.13 -15.45
N ARG B 60 19.06 18.95 -14.83
CA ARG B 60 19.84 17.77 -15.21
C ARG B 60 19.11 16.68 -15.98
N ALA B 61 17.83 16.89 -16.22
CA ALA B 61 16.98 15.81 -16.72
C ALA B 61 16.28 16.17 -18.00
N ARG B 62 15.94 15.13 -18.77
CA ARG B 62 15.07 15.20 -19.92
C ARG B 62 13.60 15.10 -19.42
N LEU B 63 13.40 14.33 -18.36
CA LEU B 63 12.10 14.18 -17.82
C LEU B 63 12.12 14.29 -16.28
N VAL B 64 11.19 15.10 -15.75
CA VAL B 64 10.99 15.15 -14.31
C VAL B 64 9.54 14.79 -13.95
N VAL B 65 9.34 13.84 -13.07
CA VAL B 65 7.99 13.50 -12.63
C VAL B 65 7.88 13.74 -11.15
N LEU B 66 6.79 14.41 -10.76
CA LEU B 66 6.48 14.62 -9.37
C LEU B 66 5.15 13.99 -9.07
N SER B 67 5.06 13.49 -7.84
CA SER B 67 3.87 12.80 -7.37
C SER B 67 3.52 13.21 -5.93
N GLY B 68 2.42 13.94 -5.78
CA GLY B 68 1.91 14.30 -4.46
C GLY B 68 1.90 15.79 -4.19
N GLY B 69 1.18 16.18 -3.14
CA GLY B 69 1.13 17.57 -2.71
C GLY B 69 0.21 18.44 -3.57
N LEU B 70 -0.76 17.85 -4.27
CA LEU B 70 -1.72 18.66 -5.02
C LEU B 70 -3.03 18.93 -4.30
N GLY B 71 -3.08 18.58 -2.99
CA GLY B 71 -4.33 18.66 -2.23
C GLY B 71 -4.67 20.12 -2.00
N PRO B 72 -5.68 20.38 -1.18
CA PRO B 72 -6.04 21.77 -0.93
C PRO B 72 -5.46 22.33 0.36
N THR B 73 -4.52 21.65 1.03
CA THR B 73 -4.16 22.12 2.37
C THR B 73 -2.93 23.03 2.41
N PRO B 74 -2.68 23.66 3.56
CA PRO B 74 -1.38 24.31 3.68
C PRO B 74 -0.16 23.38 3.56
N ASP B 75 -0.32 22.08 3.69
CA ASP B 75 0.83 21.19 3.52
C ASP B 75 0.97 20.75 2.07
N ASP B 76 0.02 21.11 1.22
CA ASP B 76 0.13 20.77 -0.17
C ASP B 76 0.76 21.95 -0.91
N VAL B 77 2.05 21.86 -1.19
CA VAL B 77 2.77 23.03 -1.73
C VAL B 77 3.53 22.75 -3.02
N THR B 78 3.11 21.70 -3.74
CA THR B 78 3.81 21.28 -4.92
C THR B 78 3.71 22.33 -6.05
N ARG B 79 2.55 22.93 -6.19
CA ARG B 79 2.29 23.81 -7.32
C ARG B 79 3.06 25.10 -7.04
N GLU B 80 3.03 25.59 -5.79
CA GLU B 80 3.83 26.75 -5.41
C GLU B 80 5.31 26.49 -5.61
N ALA B 81 5.84 25.35 -5.14
CA ALA B 81 7.27 25.02 -5.35
C ALA B 81 7.70 24.97 -6.82
N VAL B 82 6.87 24.42 -7.68
CA VAL B 82 7.27 24.31 -9.09
C VAL B 82 7.23 25.66 -9.81
N ALA B 83 6.21 26.44 -9.48
CA ALA B 83 6.11 27.84 -9.97
C ALA B 83 7.39 28.55 -9.65
N LEU B 84 7.78 28.46 -8.38
CA LEU B 84 8.99 29.06 -7.90
C LEU B 84 10.20 28.50 -8.69
N ALA B 85 10.32 27.17 -8.74
CA ALA B 85 11.48 26.59 -9.40
C ALA B 85 11.57 26.90 -10.91
N LEU B 86 10.46 27.31 -11.51
CA LEU B 86 10.49 27.76 -12.92
C LEU B 86 10.28 29.26 -13.14
N GLY B 87 10.43 30.06 -12.10
CA GLY B 87 10.20 31.50 -12.19
C GLY B 87 8.94 31.90 -12.92
N GLU B 88 7.82 31.21 -12.65
CA GLU B 88 6.56 31.58 -13.30
C GLU B 88 5.49 31.79 -12.25
N PRO B 89 4.48 32.61 -12.56
CA PRO B 89 3.42 32.92 -11.60
C PRO B 89 2.26 31.90 -11.65
N LEU B 90 1.60 31.70 -10.51
CA LEU B 90 0.44 30.82 -10.45
C LEU B 90 -0.80 31.65 -10.83
N GLU B 91 -1.64 31.11 -11.69
CA GLU B 91 -2.77 31.83 -12.23
C GLU B 91 -4.01 30.95 -12.27
N LEU B 92 -5.05 31.41 -11.59
CA LEU B 92 -6.31 30.70 -11.56
C LEU B 92 -6.90 30.50 -12.95
N ASP B 93 -7.29 29.26 -13.23
CA ASP B 93 -7.99 28.96 -14.46
C ASP B 93 -9.49 28.69 -14.16
N GLU B 94 -10.33 29.61 -14.63
CA GLU B 94 -11.75 29.66 -14.27
C GLU B 94 -12.51 28.50 -14.89
N ALA B 95 -12.01 27.96 -15.99
CA ALA B 95 -12.66 26.75 -16.51
C ALA B 95 -12.49 25.55 -15.53
N VAL B 96 -11.30 25.37 -14.99
CA VAL B 96 -11.08 24.25 -14.07
C VAL B 96 -11.88 24.45 -12.77
N LEU B 97 -11.98 25.70 -12.35
CA LEU B 97 -12.73 26.03 -11.18
C LEU B 97 -14.14 25.47 -11.31
N GLY B 98 -14.79 25.78 -12.43
CA GLY B 98 -16.13 25.32 -12.70
C GLY B 98 -16.21 23.81 -12.73
N GLU B 99 -15.13 23.16 -13.09
CA GLU B 99 -15.11 21.71 -13.11
C GLU B 99 -15.04 21.09 -11.71
N ILE B 100 -14.18 21.62 -10.85
CA ILE B 100 -14.13 21.21 -9.46
C ILE B 100 -15.50 21.50 -8.82
N GLU B 101 -16.09 22.64 -9.18
CA GLU B 101 -17.38 23.05 -8.63
C GLU B 101 -18.46 22.05 -9.01
N ALA B 102 -18.43 21.65 -10.29
CA ALA B 102 -19.32 20.60 -10.85
C ALA B 102 -19.10 19.27 -10.12
N PHE B 103 -17.84 19.01 -9.85
CA PHE B 103 -17.48 17.81 -9.17
C PHE B 103 -18.17 17.79 -7.79
N PHE B 104 -18.10 18.88 -7.04
CA PHE B 104 -18.66 18.90 -5.72
C PHE B 104 -20.17 18.92 -5.77
N ARG B 105 -20.74 19.60 -6.77
CA ARG B 105 -22.20 19.66 -6.90
C ARG B 105 -22.73 18.25 -7.08
N ALA B 106 -22.03 17.46 -7.89
CA ALA B 106 -22.49 16.07 -8.20
C ALA B 106 -22.62 15.28 -6.92
N ARG B 107 -21.68 15.50 -5.99
CA ARG B 107 -21.73 14.87 -4.67
C ARG B 107 -22.65 15.57 -3.65
N GLY B 108 -23.59 16.40 -4.12
CA GLY B 108 -24.45 17.16 -3.21
C GLY B 108 -23.75 18.14 -2.27
N ARG B 109 -22.60 18.68 -2.71
CA ARG B 109 -21.82 19.65 -1.91
C ARG B 109 -21.49 20.96 -2.65
N ALA B 110 -21.26 21.97 -1.85
CA ALA B 110 -20.77 23.28 -2.30
C ALA B 110 -19.27 23.15 -2.29
N MET B 111 -18.62 23.70 -3.32
CA MET B 111 -17.15 23.76 -3.38
C MET B 111 -16.53 24.62 -2.26
N PRO B 112 -15.69 24.02 -1.39
CA PRO B 112 -14.98 24.76 -0.34
C PRO B 112 -13.95 25.73 -0.94
N GLU B 113 -13.77 26.87 -0.30
CA GLU B 113 -12.76 27.84 -0.72
C GLU B 113 -11.36 27.21 -0.94
N ALA B 114 -10.86 26.38 -0.02
CA ALA B 114 -9.50 25.78 -0.18
C ALA B 114 -9.23 25.06 -1.51
N ASN B 115 -10.27 24.52 -2.15
CA ASN B 115 -10.09 23.85 -3.43
C ASN B 115 -9.77 24.77 -4.62
N ARG B 116 -10.02 26.05 -4.42
CA ARG B 116 -9.77 27.01 -5.47
C ARG B 116 -8.36 26.89 -5.93
N LYS B 117 -7.45 26.54 -5.01
CA LYS B 117 -6.04 26.61 -5.38
C LYS B 117 -5.64 25.51 -6.35
N GLN B 118 -6.50 24.52 -6.44
CA GLN B 118 -6.25 23.45 -7.33
C GLN B 118 -6.50 23.79 -8.81
N ALA B 119 -7.11 24.94 -9.08
CA ALA B 119 -7.32 25.37 -10.48
C ALA B 119 -6.19 26.32 -10.94
N MET B 120 -5.14 26.38 -10.15
CA MET B 120 -4.07 27.29 -10.43
C MET B 120 -2.96 26.54 -11.19
N ARG B 121 -2.47 27.17 -12.24
CA ARG B 121 -1.31 26.67 -12.94
C ARG B 121 -0.37 27.80 -13.35
N ILE B 122 0.83 27.44 -13.81
CA ILE B 122 1.75 28.37 -14.51
C ILE B 122 1.46 28.42 -16.02
N PRO B 123 1.75 29.57 -16.66
CA PRO B 123 1.43 29.72 -18.09
C PRO B 123 2.06 28.63 -18.99
N SER B 124 3.19 28.08 -18.58
CA SER B 124 3.81 27.00 -19.32
C SER B 124 3.12 25.64 -19.19
N ALA B 125 2.25 25.49 -18.17
CA ALA B 125 1.54 24.23 -17.93
C ALA B 125 0.29 24.02 -18.81
N THR B 126 0.10 22.77 -19.21
CA THR B 126 -1.08 22.26 -19.83
C THR B 126 -1.69 21.40 -18.73
N TRP B 127 -3.02 21.40 -18.63
CA TRP B 127 -3.77 20.55 -17.68
C TRP B 127 -3.77 19.11 -18.07
N LEU B 128 -3.68 18.25 -17.07
CA LEU B 128 -3.95 16.84 -17.30
C LEU B 128 -5.22 16.50 -16.53
N LYS B 129 -6.29 16.15 -17.25
CA LYS B 129 -7.58 15.92 -16.64
C LYS B 129 -7.49 14.80 -15.62
N ASN B 130 -8.05 15.07 -14.43
CA ASN B 130 -8.14 14.07 -13.36
C ASN B 130 -9.55 13.48 -13.27
N PRO B 131 -9.74 12.26 -13.80
CA PRO B 131 -11.09 11.75 -13.93
C PRO B 131 -11.68 11.30 -12.59
N ARG B 132 -10.98 11.53 -11.48
CA ARG B 132 -11.26 10.82 -10.24
C ARG B 132 -10.95 11.65 -9.02
N GLY B 133 -10.46 12.87 -9.24
CA GLY B 133 -10.08 13.75 -8.15
C GLY B 133 -10.47 15.14 -8.57
N THR B 134 -10.15 16.08 -7.70
CA THR B 134 -10.39 17.48 -7.96
C THR B 134 -9.16 18.15 -8.58
N ALA B 135 -7.98 17.62 -8.29
CA ALA B 135 -6.71 18.22 -8.69
C ALA B 135 -6.29 17.69 -10.04
N PRO B 136 -6.41 18.50 -11.11
CA PRO B 136 -5.83 18.00 -12.35
C PRO B 136 -4.32 18.10 -12.26
N GLY B 137 -3.60 17.38 -13.13
CA GLY B 137 -2.13 17.45 -13.20
C GLY B 137 -1.64 18.52 -14.15
N TRP B 138 -0.33 18.70 -14.20
CA TRP B 138 0.34 19.64 -15.10
C TRP B 138 1.27 18.91 -15.98
N TRP B 139 1.40 19.43 -17.19
CA TRP B 139 2.46 19.04 -18.09
C TRP B 139 3.10 20.30 -18.61
N VAL B 140 4.34 20.53 -18.22
CA VAL B 140 5.12 21.60 -18.74
C VAL B 140 6.11 21.06 -19.75
N ARG B 141 5.99 21.51 -21.00
CA ARG B 141 7.07 21.42 -22.00
C ARG B 141 7.87 22.74 -22.08
N LYS B 142 9.17 22.68 -21.79
CA LYS B 142 10.02 23.88 -21.71
C LYS B 142 11.44 23.47 -22.05
N GLY B 143 12.00 24.10 -23.07
CA GLY B 143 13.37 23.82 -23.52
C GLY B 143 13.63 22.39 -23.95
N GLY B 144 12.63 21.76 -24.58
CA GLY B 144 12.77 20.37 -25.02
C GLY B 144 12.66 19.38 -23.87
N LYS B 145 12.50 19.88 -22.65
CA LYS B 145 12.35 19.03 -21.45
C LYS B 145 10.88 18.91 -21.05
N ASP B 146 10.53 17.84 -20.32
CA ASP B 146 9.18 17.71 -19.74
C ASP B 146 9.20 17.62 -18.24
N LEU B 147 8.28 18.33 -17.60
CA LEU B 147 8.01 18.15 -16.18
C LEU B 147 6.55 17.84 -16.02
N VAL B 148 6.25 16.70 -15.39
CA VAL B 148 4.88 16.22 -15.16
C VAL B 148 4.54 16.17 -13.66
N LEU B 149 3.50 16.93 -13.29
CA LEU B 149 2.99 16.94 -11.92
C LEU B 149 1.83 16.01 -11.85
N LEU B 150 1.90 15.03 -10.94
CA LEU B 150 0.81 14.09 -10.66
C LEU B 150 0.25 14.05 -9.22
N PRO B 151 -1.06 13.76 -9.10
CA PRO B 151 -1.64 13.54 -7.78
C PRO B 151 -0.95 12.42 -7.04
N GLY B 152 -0.83 12.54 -5.71
CA GLY B 152 -0.35 11.37 -4.89
C GLY B 152 -1.06 9.99 -4.97
N PRO B 153 -2.40 9.94 -4.85
CA PRO B 153 -3.01 8.58 -4.81
C PRO B 153 -3.12 7.86 -6.20
N PRO B 154 -2.63 6.62 -6.24
CA PRO B 154 -2.53 5.83 -7.50
C PRO B 154 -3.76 5.76 -8.44
N PRO B 155 -5.02 5.63 -7.91
CA PRO B 155 -6.18 5.64 -8.79
C PRO B 155 -6.40 6.95 -9.56
N GLU B 156 -5.71 7.99 -9.11
CA GLU B 156 -5.82 9.27 -9.75
C GLU B 156 -4.77 9.40 -10.85
N TRP B 157 -3.52 9.09 -10.50
CA TRP B 157 -2.40 9.39 -11.39
C TRP B 157 -2.12 8.29 -12.38
N ARG B 158 -2.52 7.06 -12.05
CA ARG B 158 -2.30 5.96 -12.99
C ARG B 158 -2.78 6.18 -14.42
N PRO B 159 -4.07 6.45 -14.59
CA PRO B 159 -4.62 6.65 -15.92
C PRO B 159 -4.05 7.92 -16.52
N MET B 160 -3.79 8.93 -15.67
CA MET B 160 -3.26 10.19 -16.17
C MET B 160 -1.90 9.90 -16.85
N TRP B 161 -1.03 9.27 -16.08
CA TRP B 161 0.30 8.94 -16.50
C TRP B 161 0.27 8.03 -17.69
N GLN B 162 -0.57 7.01 -17.67
CA GLN B 162 -0.82 6.21 -18.87
C GLN B 162 -1.13 7.09 -20.10
N GLU B 163 -2.09 7.99 -19.96
CA GLU B 163 -2.54 8.84 -21.04
C GLU B 163 -1.36 9.73 -21.53
N VAL B 164 -0.53 10.22 -20.62
CA VAL B 164 0.44 11.25 -20.96
C VAL B 164 1.76 10.74 -21.46
N LEU B 165 2.17 9.56 -20.98
CA LEU B 165 3.49 9.02 -21.25
C LEU B 165 3.92 8.84 -22.74
N PRO B 166 3.08 8.21 -23.60
CA PRO B 166 3.51 8.14 -25.03
C PRO B 166 3.64 9.54 -25.62
N ARG B 167 2.80 10.46 -25.15
CA ARG B 167 2.77 11.84 -25.67
C ARG B 167 4.06 12.66 -25.43
N LEU B 168 4.97 12.17 -24.58
CA LEU B 168 6.18 12.92 -24.24
C LEU B 168 7.30 12.75 -25.27
N GLY B 169 7.12 11.74 -26.14
CA GLY B 169 7.97 11.55 -27.30
C GLY B 169 9.37 11.27 -26.83
N LEU B 170 9.48 10.39 -25.82
CA LEU B 170 10.76 9.88 -25.37
C LEU B 170 11.36 8.87 -26.38
N PRO B 171 12.71 8.84 -26.45
CA PRO B 171 13.36 7.80 -27.23
C PRO B 171 13.06 6.40 -26.65
N ARG B 172 12.59 5.50 -27.49
CA ARG B 172 12.30 4.14 -27.03
C ARG B 172 13.55 3.23 -26.98
N ARG B 173 13.54 2.23 -26.13
CA ARG B 173 14.54 1.17 -26.22
C ARG B 173 13.78 -0.18 -26.21
N PRO B 174 14.38 -1.24 -26.82
CA PRO B 174 13.57 -2.43 -26.95
C PRO B 174 13.75 -3.31 -25.70
N TYR B 175 13.02 -2.95 -24.66
CA TYR B 175 13.01 -3.68 -23.46
C TYR B 175 11.62 -4.27 -23.29
N ALA B 176 11.53 -5.42 -22.62
CA ALA B 176 10.24 -6.00 -22.28
C ALA B 176 10.34 -6.86 -21.01
N GLU B 177 9.20 -7.05 -20.34
CA GLU B 177 9.05 -8.03 -19.26
C GLU B 177 7.96 -9.07 -19.52
N ARG B 178 8.22 -10.33 -19.17
CA ARG B 178 7.21 -11.35 -19.29
C ARG B 178 7.06 -12.08 -17.94
N VAL B 179 5.86 -12.00 -17.36
CA VAL B 179 5.65 -12.57 -16.06
C VAL B 179 4.82 -13.80 -16.25
N LEU B 180 5.33 -14.92 -15.79
CA LEU B 180 4.58 -16.18 -15.85
C LEU B 180 4.31 -16.58 -14.43
N LYS B 181 3.03 -16.74 -14.12
CA LYS B 181 2.60 -16.95 -12.75
C LYS B 181 2.20 -18.39 -12.47
N THR B 182 2.83 -18.99 -11.47
CA THR B 182 2.62 -20.43 -11.21
C THR B 182 1.91 -20.66 -9.89
N TRP B 183 1.47 -21.89 -9.74
CA TRP B 183 0.92 -22.36 -8.51
C TRP B 183 1.39 -23.77 -8.23
N GLY B 184 1.78 -24.04 -6.99
CA GLY B 184 2.01 -25.42 -6.57
C GLY B 184 3.41 -25.99 -6.79
N ILE B 185 4.41 -25.11 -6.82
CA ILE B 185 5.78 -25.51 -7.11
C ILE B 185 6.74 -24.45 -6.58
N GLY B 186 7.68 -24.91 -5.75
CA GLY B 186 8.60 -24.02 -5.04
C GLY B 186 9.68 -23.50 -5.98
N GLU B 187 10.42 -22.49 -5.50
CA GLU B 187 11.49 -21.84 -6.27
C GLU B 187 12.48 -22.89 -6.77
N SER B 188 12.97 -23.71 -5.83
CA SER B 188 14.04 -24.71 -6.06
C SER B 188 13.72 -25.66 -7.17
N GLU B 189 12.51 -26.22 -7.16
CA GLU B 189 12.10 -27.12 -8.20
C GLU B 189 11.99 -26.44 -9.55
N ILE B 190 11.64 -25.14 -9.54
CA ILE B 190 11.56 -24.38 -10.79
C ILE B 190 12.92 -24.20 -11.47
N VAL B 191 13.92 -23.68 -10.74
CA VAL B 191 15.30 -23.55 -11.23
C VAL B 191 15.69 -24.77 -12.09
N GLU B 192 15.39 -25.98 -11.57
CA GLU B 192 15.62 -27.25 -12.28
C GLU B 192 14.79 -27.39 -13.56
N VAL B 204 19.39 -9.99 -21.01
CA VAL B 204 18.24 -10.79 -20.53
C VAL B 204 18.52 -11.57 -19.24
N GLU B 205 17.58 -11.53 -18.30
CA GLU B 205 17.68 -12.32 -17.07
C GLU B 205 16.33 -12.93 -16.63
N VAL B 206 16.45 -14.03 -15.88
CA VAL B 206 15.32 -14.81 -15.45
C VAL B 206 15.35 -14.92 -13.93
N GLY B 207 14.22 -14.62 -13.30
CA GLY B 207 14.10 -14.57 -11.86
C GLY B 207 12.85 -15.28 -11.40
N THR B 208 12.90 -15.90 -10.21
CA THR B 208 11.72 -16.43 -9.58
C THR B 208 11.36 -15.55 -8.37
N TYR B 209 10.07 -15.30 -8.20
CA TYR B 209 9.61 -14.41 -7.13
C TYR B 209 8.42 -15.03 -6.39
N PRO B 210 8.64 -15.38 -5.10
CA PRO B 210 7.55 -16.09 -4.43
C PRO B 210 6.49 -15.14 -3.93
N LYS B 211 5.25 -15.37 -4.34
CA LYS B 211 4.15 -14.51 -3.88
C LYS B 211 3.05 -15.36 -3.30
N VAL B 212 2.17 -14.72 -2.56
CA VAL B 212 1.00 -15.40 -1.98
C VAL B 212 0.11 -16.12 -2.99
N HIS B 213 0.04 -15.62 -4.22
CA HIS B 213 -0.59 -16.34 -5.35
C HIS B 213 0.33 -17.27 -6.11
N GLY B 214 1.45 -17.68 -5.50
CA GLY B 214 2.41 -18.55 -6.21
C GLY B 214 3.73 -17.93 -6.65
N VAL B 215 4.65 -18.77 -7.09
CA VAL B 215 5.98 -18.30 -7.51
C VAL B 215 5.82 -17.68 -8.89
N GLU B 216 6.23 -16.42 -9.03
CA GLU B 216 6.30 -15.85 -10.38
C GLU B 216 7.67 -16.08 -11.03
N VAL B 217 7.65 -16.48 -12.29
CA VAL B 217 8.86 -16.54 -13.12
C VAL B 217 8.88 -15.27 -14.02
N VAL B 218 9.82 -14.38 -13.76
CA VAL B 218 9.99 -13.13 -14.56
C VAL B 218 11.17 -13.18 -15.56
N VAL B 219 10.89 -12.89 -16.82
CA VAL B 219 11.93 -12.76 -17.85
C VAL B 219 11.98 -11.31 -18.41
N ARG B 220 13.14 -10.67 -18.31
CA ARG B 220 13.27 -9.25 -18.64
C ARG B 220 14.57 -8.89 -19.40
N GLY B 221 14.52 -7.82 -20.17
CA GLY B 221 15.65 -7.45 -21.00
C GLY B 221 15.27 -7.22 -22.44
N ARG B 222 16.20 -7.50 -23.34
CA ARG B 222 16.03 -7.14 -24.73
C ARG B 222 14.86 -7.89 -25.29
N GLU B 223 13.87 -7.13 -25.73
CA GLU B 223 12.56 -7.61 -26.14
C GLU B 223 12.63 -8.85 -27.02
N ASP B 224 13.54 -8.85 -27.99
CA ASP B 224 13.77 -10.05 -28.82
C ASP B 224 14.15 -11.31 -27.97
N ARG B 225 15.13 -11.15 -27.07
CA ARG B 225 15.54 -12.23 -26.18
C ARG B 225 14.44 -12.65 -25.21
N VAL B 226 13.73 -11.68 -24.64
CA VAL B 226 12.63 -11.97 -23.70
C VAL B 226 11.51 -12.78 -24.32
N ALA B 227 11.11 -12.45 -25.55
CA ALA B 227 10.02 -13.16 -26.24
C ALA B 227 10.32 -14.64 -26.57
N GLU B 228 11.55 -14.95 -26.98
CA GLU B 228 11.87 -16.33 -27.32
C GLU B 228 12.07 -17.13 -26.04
N LEU B 229 12.98 -16.63 -25.17
CA LEU B 229 13.38 -17.34 -23.94
C LEU B 229 12.20 -17.57 -23.00
N ALA B 230 11.21 -16.69 -23.09
CA ALA B 230 9.99 -16.86 -22.32
C ALA B 230 9.05 -17.94 -22.85
N GLU B 231 8.97 -18.09 -24.18
CA GLU B 231 8.13 -19.13 -24.78
C GLU B 231 8.67 -20.52 -24.47
N ARG B 232 10.00 -20.61 -24.36
CA ARG B 232 10.69 -21.83 -23.94
C ARG B 232 10.36 -22.21 -22.49
N ILE B 233 10.63 -21.31 -21.53
CA ILE B 233 10.30 -21.50 -20.10
C ILE B 233 8.83 -21.92 -19.85
N LYS B 234 7.90 -21.21 -20.48
CA LYS B 234 6.49 -21.58 -20.40
C LYS B 234 6.31 -23.07 -20.65
N LYS B 235 6.96 -23.57 -21.70
CA LYS B 235 6.92 -24.99 -22.09
C LYS B 235 7.43 -25.94 -20.98
N LYS B 236 8.60 -25.64 -20.39
CA LYS B 236 9.15 -26.46 -19.30
C LYS B 236 8.17 -26.53 -18.09
N LEU B 237 7.35 -25.50 -17.92
CA LEU B 237 6.41 -25.40 -16.80
C LEU B 237 4.98 -25.29 -17.30
N LEU B 238 4.70 -25.95 -18.42
CA LEU B 238 3.37 -25.89 -19.05
C LEU B 238 2.24 -26.39 -18.15
N LYS B 239 2.52 -27.21 -17.16
CA LYS B 239 1.43 -27.62 -16.28
C LYS B 239 1.28 -26.69 -15.05
N GLU B 240 2.31 -25.92 -14.72
CA GLU B 240 2.29 -25.18 -13.48
C GLU B 240 1.85 -23.74 -13.72
N VAL B 241 1.86 -23.33 -14.97
CA VAL B 241 1.61 -21.94 -15.28
C VAL B 241 0.15 -21.71 -15.52
N TRP B 242 -0.47 -20.94 -14.63
CA TRP B 242 -1.88 -20.55 -14.72
C TRP B 242 -2.18 -19.24 -15.43
N GLY B 243 -1.20 -18.36 -15.57
CA GLY B 243 -1.44 -17.18 -16.41
C GLY B 243 -0.18 -16.41 -16.60
N GLU B 244 -0.34 -15.30 -17.34
CA GLU B 244 0.76 -14.39 -17.66
C GLU B 244 0.39 -12.94 -17.34
N GLY B 245 1.41 -12.10 -17.22
CA GLY B 245 1.22 -10.67 -17.31
C GLY B 245 0.22 -10.24 -16.28
N GLU B 246 -0.86 -9.59 -16.71
CA GLU B 246 -1.83 -9.00 -15.77
C GLU B 246 -2.91 -9.96 -15.23
N MET B 247 -2.94 -11.16 -15.78
CA MET B 247 -3.87 -12.19 -15.39
C MET B 247 -3.73 -12.47 -13.87
N THR B 248 -4.87 -12.67 -13.23
CA THR B 248 -4.94 -12.93 -11.81
C THR B 248 -5.83 -14.16 -11.60
N LEU B 249 -5.69 -14.80 -10.45
CA LEU B 249 -6.51 -16.00 -10.19
C LEU B 249 -7.98 -15.67 -10.32
N ALA B 250 -8.39 -14.53 -9.72
CA ALA B 250 -9.81 -14.07 -9.80
C ALA B 250 -10.30 -13.91 -11.25
N GLU B 251 -9.46 -13.40 -12.11
CA GLU B 251 -9.85 -13.24 -13.49
C GLU B 251 -9.88 -14.57 -14.25
N ALA B 252 -8.92 -15.43 -13.96
CA ALA B 252 -8.93 -16.74 -14.60
C ALA B 252 -10.25 -17.47 -14.28
N VAL B 253 -10.64 -17.39 -13.01
CA VAL B 253 -11.91 -17.98 -12.50
C VAL B 253 -13.13 -17.40 -13.26
N LYS B 254 -13.20 -16.07 -13.33
CA LYS B 254 -14.19 -15.39 -14.17
C LYS B 254 -14.21 -15.91 -15.62
N ARG B 255 -13.04 -16.01 -16.25
CA ARG B 255 -12.96 -16.52 -17.63
C ARG B 255 -13.56 -17.93 -17.74
N ARG B 256 -13.31 -18.80 -16.75
CA ARG B 256 -13.90 -20.18 -16.70
C ARG B 256 -15.42 -20.10 -16.54
N MET B 257 -15.89 -19.29 -15.60
CA MET B 257 -17.32 -19.15 -15.39
C MET B 257 -18.08 -18.64 -16.63
N GLU B 258 -17.51 -17.74 -17.40
CA GLU B 258 -18.18 -17.26 -18.63
C GLU B 258 -18.08 -18.22 -19.78
N ARG B 259 -16.95 -18.92 -19.88
CA ARG B 259 -16.75 -19.94 -20.89
C ARG B 259 -17.84 -21.02 -20.69
N GLU B 260 -18.09 -21.36 -19.44
CA GLU B 260 -19.02 -22.44 -19.07
C GLU B 260 -20.44 -21.98 -18.90
N GLY B 261 -20.65 -20.67 -18.95
CA GLY B 261 -21.94 -20.11 -18.48
C GLY B 261 -22.30 -20.56 -17.06
N ALA B 262 -21.30 -20.69 -16.19
CA ALA B 262 -21.51 -21.26 -14.86
C ALA B 262 -21.68 -20.18 -13.81
N THR B 263 -22.21 -20.56 -12.63
CA THR B 263 -22.19 -19.66 -11.48
C THR B 263 -21.32 -20.18 -10.33
N LEU B 264 -20.99 -19.27 -9.40
CA LEU B 264 -20.18 -19.51 -8.26
C LEU B 264 -20.74 -18.89 -6.96
N SER B 265 -20.51 -19.56 -5.84
CA SER B 265 -20.84 -19.05 -4.54
C SER B 265 -19.74 -19.51 -3.55
N THR B 266 -19.77 -19.05 -2.30
CA THR B 266 -18.68 -19.33 -1.35
C THR B 266 -19.18 -19.45 0.09
N MET B 267 -18.54 -20.29 0.91
CA MET B 267 -18.77 -20.21 2.35
C MET B 267 -17.43 -20.18 3.03
N GLU B 268 -17.18 -19.08 3.73
CA GLU B 268 -15.86 -18.72 4.23
C GLU B 268 -15.88 -18.58 5.74
N SER B 269 -14.81 -19.03 6.36
CA SER B 269 -14.73 -18.68 7.77
C SER B 269 -13.43 -17.99 8.18
N LEU B 270 -12.31 -18.68 8.28
CA LEU B 270 -11.13 -17.93 8.71
C LEU B 270 -10.85 -16.73 7.82
N THR B 271 -11.16 -16.82 6.51
CA THR B 271 -10.77 -15.76 5.56
C THR B 271 -11.75 -14.65 5.72
N GLY B 272 -12.91 -14.92 6.31
CA GLY B 272 -13.69 -13.87 6.92
C GLY B 272 -14.39 -12.96 5.94
N GLY B 273 -14.35 -13.31 4.64
CA GLY B 273 -15.02 -12.50 3.59
C GLY B 273 -14.02 -12.07 2.52
N LEU B 274 -12.75 -12.36 2.76
CA LEU B 274 -11.72 -11.98 1.83
C LEU B 274 -11.80 -12.69 0.49
N LEU B 275 -12.37 -13.89 0.45
CA LEU B 275 -12.48 -14.69 -0.78
C LEU B 275 -13.54 -14.06 -1.68
N GLY B 276 -14.67 -13.69 -1.07
CA GLY B 276 -15.75 -13.10 -1.83
C GLY B 276 -15.21 -11.79 -2.35
N ALA B 277 -14.39 -11.13 -1.51
CA ALA B 277 -13.74 -9.86 -1.87
C ALA B 277 -12.84 -10.06 -3.06
N GLU B 278 -12.00 -11.09 -3.00
CA GLU B 278 -11.12 -11.29 -4.13
C GLU B 278 -11.90 -11.55 -5.41
N ILE B 279 -12.95 -12.40 -5.33
CA ILE B 279 -13.72 -12.77 -6.48
C ILE B 279 -14.28 -11.50 -7.13
N THR B 280 -14.73 -10.56 -6.30
CA THR B 280 -15.45 -9.37 -6.78
C THR B 280 -14.56 -8.21 -7.06
N ARG B 281 -13.27 -8.46 -6.93
CA ARG B 281 -12.27 -7.46 -7.30
C ARG B 281 -12.40 -7.18 -8.76
N VAL B 282 -12.77 -8.19 -9.53
CA VAL B 282 -12.74 -8.02 -10.97
C VAL B 282 -14.07 -7.58 -11.55
N PRO B 283 -14.03 -6.58 -12.46
CA PRO B 283 -15.24 -6.10 -13.15
C PRO B 283 -16.03 -7.20 -13.84
N GLY B 284 -17.36 -7.16 -13.72
CA GLY B 284 -18.18 -8.18 -14.34
C GLY B 284 -18.45 -9.40 -13.44
N ALA B 285 -17.99 -9.36 -12.17
CA ALA B 285 -18.17 -10.47 -11.24
C ALA B 285 -19.65 -10.86 -11.09
N SER B 286 -20.55 -9.90 -11.23
CA SER B 286 -21.97 -10.15 -10.98
C SER B 286 -22.66 -10.95 -12.05
N ARG B 287 -21.99 -11.17 -13.19
CA ARG B 287 -22.46 -12.12 -14.19
C ARG B 287 -22.38 -13.58 -13.73
N PHE B 288 -21.70 -13.86 -12.63
CA PHE B 288 -21.47 -15.25 -12.28
C PHE B 288 -21.45 -15.45 -10.76
N TYR B 289 -21.07 -14.46 -10.01
CA TYR B 289 -20.88 -14.69 -8.59
C TYR B 289 -22.18 -14.43 -7.85
N LEU B 290 -22.86 -15.45 -7.39
CA LEU B 290 -24.18 -15.20 -6.85
C LEU B 290 -24.08 -14.59 -5.48
N GLY B 291 -23.01 -14.95 -4.75
CA GLY B 291 -22.82 -14.50 -3.37
C GLY B 291 -22.12 -15.50 -2.45
N GLY B 292 -22.15 -15.19 -1.15
CA GLY B 292 -21.45 -16.01 -0.16
C GLY B 292 -21.95 -15.86 1.26
N VAL B 293 -21.50 -16.78 2.10
CA VAL B 293 -21.71 -16.72 3.54
C VAL B 293 -20.36 -16.64 4.21
N VAL B 294 -20.26 -15.75 5.19
CA VAL B 294 -19.11 -15.73 6.10
C VAL B 294 -19.63 -16.38 7.39
N SER B 295 -19.30 -17.66 7.53
CA SER B 295 -19.77 -18.50 8.67
C SER B 295 -18.75 -18.37 9.83
N TYR B 296 -18.58 -17.18 10.36
CA TYR B 296 -17.49 -17.01 11.29
C TYR B 296 -17.72 -17.76 12.57
N SER B 297 -18.97 -17.73 13.03
CA SER B 297 -19.33 -18.52 14.19
C SER B 297 -19.95 -19.85 13.78
N VAL B 298 -19.80 -20.77 14.72
CA VAL B 298 -20.44 -22.07 14.74
C VAL B 298 -21.97 -21.99 14.56
N GLY B 299 -22.64 -21.18 15.35
CA GLY B 299 -24.05 -20.95 15.13
C GLY B 299 -24.35 -20.65 13.65
N ALA B 300 -23.47 -19.88 12.98
CA ALA B 300 -23.70 -19.49 11.59
C ALA B 300 -23.49 -20.68 10.59
N LYS B 301 -22.44 -21.46 10.83
CA LYS B 301 -22.24 -22.70 10.11
C LYS B 301 -23.49 -23.58 10.18
N ALA B 302 -24.01 -23.79 11.39
CA ALA B 302 -25.18 -24.64 11.62
C ALA B 302 -26.33 -24.11 10.79
N ARG B 303 -26.59 -22.82 10.96
CA ARG B 303 -27.70 -22.22 10.35
C ARG B 303 -27.67 -22.26 8.81
N PHE B 304 -26.48 -22.26 8.18
CA PHE B 304 -26.39 -22.30 6.71
C PHE B 304 -26.08 -23.68 6.14
N GLY B 305 -26.29 -24.70 6.98
CA GLY B 305 -26.38 -26.06 6.50
C GLY B 305 -25.20 -26.98 6.77
N VAL B 306 -24.20 -26.52 7.53
CA VAL B 306 -23.15 -27.44 7.98
C VAL B 306 -23.78 -28.43 8.98
N PRO B 307 -23.56 -29.75 8.82
CA PRO B 307 -24.13 -30.76 9.77
C PRO B 307 -23.66 -30.59 11.20
N GLN B 308 -24.57 -30.67 12.18
CA GLN B 308 -24.26 -30.67 13.64
C GLN B 308 -23.08 -31.58 13.99
N ASP B 309 -23.16 -32.83 13.55
CA ASP B 309 -22.04 -33.74 13.71
C ASP B 309 -20.66 -33.08 13.47
N LEU B 310 -20.51 -32.22 12.46
CA LEU B 310 -19.15 -31.69 12.18
C LEU B 310 -18.71 -30.43 12.99
N LEU B 311 -19.62 -29.85 13.76
CA LEU B 311 -19.40 -28.51 14.43
C LEU B 311 -18.29 -28.45 15.50
N SER B 312 -17.96 -29.58 16.12
CA SER B 312 -16.79 -29.60 16.97
C SER B 312 -15.54 -29.90 16.17
N ARG B 313 -15.61 -30.09 14.86
CA ARG B 313 -14.36 -30.25 14.10
C ARG B 313 -14.32 -29.37 12.83
N THR B 314 -14.48 -28.07 13.06
CA THR B 314 -14.50 -27.09 11.99
C THR B 314 -13.16 -27.07 11.22
N VAL B 315 -12.03 -27.38 11.88
CA VAL B 315 -10.76 -27.49 11.15
C VAL B 315 -10.55 -28.91 10.71
N SER B 316 -11.08 -29.26 9.51
CA SER B 316 -11.01 -30.62 8.94
C SER B 316 -11.47 -30.61 7.49
N ALA B 317 -11.06 -31.62 6.71
CA ALA B 317 -11.47 -31.80 5.33
C ALA B 317 -12.97 -31.99 5.21
N GLU B 318 -13.50 -32.86 6.08
CA GLU B 318 -14.94 -33.09 6.23
C GLU B 318 -15.73 -31.73 6.32
N THR B 319 -15.35 -30.87 7.25
CA THR B 319 -16.03 -29.57 7.38
C THR B 319 -15.85 -28.67 6.11
N ALA B 320 -14.66 -28.64 5.54
CA ALA B 320 -14.45 -27.93 4.30
C ALA B 320 -15.42 -28.40 3.20
N ARG B 321 -15.49 -29.70 2.98
CA ARG B 321 -16.44 -30.35 2.08
C ARG B 321 -17.84 -29.90 2.37
N ALA B 322 -18.27 -29.94 3.65
CA ALA B 322 -19.65 -29.63 3.99
C ALA B 322 -19.95 -28.19 3.68
N MET B 323 -19.03 -27.31 4.05
CA MET B 323 -19.19 -25.91 3.73
C MET B 323 -19.35 -25.68 2.25
N ALA B 324 -18.52 -26.31 1.42
CA ALA B 324 -18.71 -26.08 0.01
C ALA B 324 -20.08 -26.62 -0.47
N GLU B 325 -20.50 -27.79 0.04
CA GLU B 325 -21.78 -28.36 -0.40
C GLU B 325 -22.88 -27.45 0.11
N ALA B 326 -22.74 -26.96 1.35
CA ALA B 326 -23.77 -26.10 1.93
C ALA B 326 -23.95 -24.77 1.16
N ALA B 327 -22.87 -24.23 0.62
CA ALA B 327 -22.96 -23.01 -0.17
C ALA B 327 -23.61 -23.31 -1.50
N ARG B 328 -23.17 -24.39 -2.14
CA ARG B 328 -23.75 -24.80 -3.41
C ARG B 328 -25.27 -24.95 -3.32
N SER B 329 -25.74 -25.62 -2.28
CA SER B 329 -27.18 -25.89 -2.10
C SER B 329 -27.95 -24.63 -1.77
N LEU B 330 -27.36 -23.79 -0.92
CA LEU B 330 -28.01 -22.55 -0.46
C LEU B 330 -28.21 -21.54 -1.60
N PHE B 331 -27.20 -21.36 -2.44
CA PHE B 331 -27.27 -20.39 -3.52
C PHE B 331 -27.66 -20.98 -4.88
N GLY B 332 -27.62 -22.32 -5.02
CA GLY B 332 -27.95 -22.90 -6.33
C GLY B 332 -26.89 -22.59 -7.40
N SER B 333 -25.62 -22.61 -7.06
CA SER B 333 -24.59 -22.24 -8.02
C SER B 333 -23.99 -23.49 -8.64
N THR B 334 -23.37 -23.33 -9.82
CA THR B 334 -22.74 -24.45 -10.50
C THR B 334 -21.60 -25.02 -9.63
N TYR B 335 -20.76 -24.08 -9.16
CA TYR B 335 -19.63 -24.33 -8.32
C TYR B 335 -19.73 -23.58 -6.96
N ALA B 336 -18.96 -24.03 -5.98
CA ALA B 336 -18.89 -23.32 -4.68
C ALA B 336 -17.57 -23.58 -4.06
N LEU B 337 -16.96 -22.52 -3.53
CA LEU B 337 -15.69 -22.64 -2.78
C LEU B 337 -15.93 -22.45 -1.32
N ALA B 338 -15.11 -23.08 -0.50
CA ALA B 338 -15.15 -22.94 0.95
C ALA B 338 -13.74 -22.86 1.52
N THR B 339 -13.59 -22.11 2.62
CA THR B 339 -12.36 -22.14 3.42
C THR B 339 -12.63 -22.32 4.91
N THR B 340 -11.78 -23.10 5.59
CA THR B 340 -11.83 -23.28 7.02
C THR B 340 -10.46 -23.68 7.44
N GLY B 341 -10.10 -23.35 8.67
CA GLY B 341 -8.73 -23.43 9.06
C GLY B 341 -8.34 -22.45 10.14
N VAL B 342 -7.04 -22.33 10.37
CA VAL B 342 -6.54 -21.52 11.50
C VAL B 342 -5.57 -20.48 10.89
N ALA B 343 -5.96 -19.21 11.05
CA ALA B 343 -5.20 -18.12 10.51
C ALA B 343 -4.18 -17.66 11.50
N GLY B 344 -4.48 -17.78 12.81
CA GLY B 344 -3.60 -17.34 13.91
C GLY B 344 -3.97 -15.94 14.36
N PRO B 345 -3.32 -15.40 15.42
CA PRO B 345 -2.24 -15.91 16.28
C PRO B 345 -2.71 -17.07 17.16
N ASP B 346 -4.00 -17.31 17.25
CA ASP B 346 -4.46 -18.37 18.12
C ASP B 346 -4.67 -19.73 17.41
N PRO B 347 -4.27 -20.84 18.08
CA PRO B 347 -4.71 -22.18 17.61
C PRO B 347 -6.26 -22.34 17.66
N LEU B 348 -6.80 -23.24 16.87
CA LEU B 348 -8.20 -23.65 17.03
C LEU B 348 -8.28 -25.17 17.03
N GLU B 349 -8.98 -25.71 18.03
CA GLU B 349 -9.14 -27.16 18.23
C GLU B 349 -7.83 -27.88 18.07
N GLY B 350 -6.78 -27.43 18.76
CA GLY B 350 -5.47 -28.06 18.68
C GLY B 350 -4.72 -27.92 17.35
N GLU B 351 -5.18 -27.04 16.46
CA GLU B 351 -4.46 -26.86 15.18
C GLU B 351 -3.60 -25.60 15.11
N PRO B 352 -2.34 -25.74 14.68
CA PRO B 352 -1.50 -24.54 14.59
C PRO B 352 -2.01 -23.60 13.53
N PRO B 353 -1.72 -22.30 13.69
CA PRO B 353 -1.83 -21.27 12.66
C PRO B 353 -1.23 -21.77 11.37
N GLY B 354 -1.89 -21.53 10.24
CA GLY B 354 -1.45 -22.03 8.95
C GLY B 354 -2.11 -23.33 8.52
N THR B 355 -2.83 -24.01 9.43
CA THR B 355 -3.56 -25.24 9.05
C THR B 355 -4.82 -24.77 8.31
N VAL B 356 -4.94 -25.11 7.02
CA VAL B 356 -6.05 -24.59 6.22
C VAL B 356 -6.58 -25.61 5.25
N TYR B 357 -7.91 -25.75 5.23
CA TYR B 357 -8.59 -26.63 4.31
C TYR B 357 -9.40 -25.78 3.28
N VAL B 358 -9.18 -25.98 1.98
CA VAL B 358 -9.99 -25.30 0.95
C VAL B 358 -10.72 -26.36 0.11
N ALA B 359 -11.95 -26.05 -0.28
CA ALA B 359 -12.83 -27.04 -0.89
C ALA B 359 -13.63 -26.45 -2.06
N LEU B 360 -13.91 -27.30 -3.06
CA LEU B 360 -14.69 -26.93 -4.24
C LEU B 360 -15.74 -27.99 -4.39
N ALA B 361 -17.00 -27.55 -4.51
CA ALA B 361 -18.08 -28.47 -4.84
C ALA B 361 -18.67 -28.09 -6.20
N GLY B 362 -18.91 -29.08 -7.07
CA GLY B 362 -19.53 -28.79 -8.37
C GLY B 362 -20.43 -29.91 -8.80
N PRO B 363 -20.87 -29.91 -10.05
CA PRO B 363 -21.69 -30.99 -10.61
C PRO B 363 -21.27 -32.43 -10.21
N THR B 364 -19.97 -32.73 -10.16
CA THR B 364 -19.60 -34.15 -10.03
C THR B 364 -19.04 -34.48 -8.68
N GLY B 365 -19.05 -33.52 -7.76
CA GLY B 365 -18.70 -33.81 -6.40
C GLY B 365 -17.86 -32.70 -5.87
N ALA B 366 -17.16 -32.99 -4.79
CA ALA B 366 -16.36 -32.01 -4.11
C ALA B 366 -14.93 -32.50 -4.04
N GLU B 367 -13.99 -31.55 -3.97
CA GLU B 367 -12.58 -31.83 -3.65
C GLU B 367 -12.01 -30.93 -2.57
N VAL B 368 -11.16 -31.49 -1.72
CA VAL B 368 -10.49 -30.72 -0.68
C VAL B 368 -8.97 -30.76 -0.87
N ARG B 369 -8.33 -29.61 -0.66
CA ARG B 369 -6.88 -29.55 -0.46
C ARG B 369 -6.52 -29.04 0.90
N ARG B 370 -5.60 -29.74 1.56
CA ARG B 370 -5.04 -29.22 2.82
C ARG B 370 -3.68 -28.51 2.58
N TYR B 371 -3.45 -27.46 3.35
CA TYR B 371 -2.24 -26.63 3.26
C TYR B 371 -1.69 -26.36 4.65
N ARG B 372 -0.36 -26.37 4.81
CA ARG B 372 0.27 -25.73 6.01
C ARG B 372 1.01 -24.48 5.52
N PHE B 373 0.44 -23.32 5.81
CA PHE B 373 0.92 -22.06 5.26
C PHE B 373 1.74 -21.34 6.31
N PRO B 374 2.93 -20.90 5.94
CA PRO B 374 3.71 -20.13 6.90
C PRO B 374 3.21 -18.69 6.86
N GLY B 375 3.53 -17.94 7.92
CA GLY B 375 3.18 -16.51 7.98
C GLY B 375 2.15 -16.12 9.04
N ASP B 376 1.91 -14.81 9.10
CA ASP B 376 1.01 -14.23 10.08
C ASP B 376 -0.46 -14.23 9.67
N ARG B 377 -1.30 -13.74 10.56
CA ARG B 377 -2.75 -13.81 10.38
C ARG B 377 -3.23 -13.43 8.96
N GLU B 378 -2.87 -12.24 8.53
CA GLU B 378 -3.17 -11.76 7.20
C GLU B 378 -2.61 -12.63 6.09
N THR B 379 -1.37 -13.05 6.26
CA THR B 379 -0.73 -13.86 5.21
C THR B 379 -1.45 -15.21 5.02
N VAL B 380 -1.77 -15.89 6.11
CA VAL B 380 -2.50 -17.15 6.06
C VAL B 380 -3.85 -16.99 5.35
N ARG B 381 -4.54 -15.88 5.63
CA ARG B 381 -5.84 -15.62 5.04
C ARG B 381 -5.76 -15.37 3.55
N LEU B 382 -4.83 -14.51 3.14
CA LEU B 382 -4.46 -14.30 1.74
C LEU B 382 -4.13 -15.59 0.99
N ARG B 383 -3.25 -16.41 1.54
CA ARG B 383 -2.83 -17.62 0.79
C ARG B 383 -4.05 -18.56 0.68
N SER B 384 -4.88 -18.62 1.75
CA SER B 384 -6.11 -19.41 1.75
C SER B 384 -7.05 -19.02 0.60
N VAL B 385 -7.25 -17.73 0.47
CA VAL B 385 -8.01 -17.22 -0.61
C VAL B 385 -7.49 -17.67 -1.95
N TYR B 386 -6.18 -17.57 -2.19
CA TYR B 386 -5.63 -18.00 -3.49
C TYR B 386 -5.65 -19.49 -3.70
N ALA B 387 -5.44 -20.27 -2.62
CA ALA B 387 -5.54 -21.73 -2.71
C ALA B 387 -6.95 -22.15 -3.12
N ALA B 388 -7.96 -21.48 -2.55
CA ALA B 388 -9.36 -21.74 -2.89
C ALA B 388 -9.57 -21.47 -4.37
N LEU B 389 -9.15 -20.28 -4.83
CA LEU B 389 -9.29 -19.95 -6.24
C LEU B 389 -8.55 -20.93 -7.16
N ALA B 390 -7.34 -21.30 -6.78
CA ALA B 390 -6.54 -22.30 -7.54
C ALA B 390 -7.27 -23.64 -7.80
N LEU B 391 -8.18 -24.03 -6.91
CA LEU B 391 -9.03 -25.23 -7.15
C LEU B 391 -9.74 -25.26 -8.50
N LEU B 392 -9.97 -24.07 -9.08
CA LEU B 392 -10.84 -23.91 -10.25
C LEU B 392 -10.03 -23.66 -11.48
N VAL B 393 -8.76 -23.26 -11.30
CA VAL B 393 -7.96 -22.79 -12.43
C VAL B 393 -6.55 -23.38 -12.54
N THR B 394 -6.17 -24.26 -11.62
CA THR B 394 -4.93 -25.02 -11.73
C THR B 394 -5.20 -26.50 -11.89
#